data_4UXE
#
_entry.id   4UXE
#
_cell.length_a   92.840
_cell.length_b   76.330
_cell.length_c   116.960
_cell.angle_alpha   90.00
_cell.angle_beta   99.34
_cell.angle_gamma   90.00
#
_symmetry.space_group_name_H-M   'P 1 21 1'
#
loop_
_entity.id
_entity.type
_entity.pdbx_description
1 polymer 'LARGE TAIL FIBER PROTEIN P34'
2 non-polymer GLYCEROL
3 water water
#
_entity_poly.entity_id   1
_entity_poly.type   'polypeptide(L)'
_entity_poly.pdbx_seq_one_letter_code
;(MSE)GSSHHHHHHSQDPSQFIRRDIAQTVNGSLTLTQQTNLSAPLVSSSTGEFGGSLAANRTFTIRNTGAPTSIVFEKG
PASGANPAQS(MSE)SIRVWGNQFGGGSDTTRSTVFEVGDDTSHHFYSQRNKDGNIAFNINGTV(MSE)PININASGL
(MSE)NVNGTATFGRSVTANGEFISKSANAFRAINGDYGFFIRNDASNTYFLLTAAGDQTGGFNGLRPLLINNQSGQITI
GEGLIIAKGVTINSGGLTVNSRIRSQGTKTSDLYTRAPTSDTVGFWSIDINDSATYNQFPGYFK(MSE)VEKTNEVTGLP
YLERGEEVKSPGTLTQFGNTLDSLYQDWITYPTTPEARTTRWTRTWQKTKNSWSSFVQVFDGGNPPQPSDIGALPSDNAT
(MSE)GNLTIRDFLRIGNVRIVPDPVNKTVKFEWVE
;
_entity_poly.pdbx_strand_id   A,B,C
#
loop_
_chem_comp.id
_chem_comp.type
_chem_comp.name
_chem_comp.formula
GOL non-polymer GLYCEROL 'C3 H8 O3'
#
# COMPACT_ATOMS: atom_id res chain seq x y z
N PRO A 14 39.25 -94.04 -43.88
CA PRO A 14 38.32 -93.61 -44.92
C PRO A 14 38.39 -92.09 -45.17
N SER A 15 37.38 -91.54 -45.83
CA SER A 15 37.23 -90.08 -45.97
C SER A 15 36.23 -89.51 -44.95
N GLN A 16 36.53 -89.76 -43.68
CA GLN A 16 35.86 -89.11 -42.56
C GLN A 16 36.79 -88.00 -42.07
N PHE A 17 37.18 -87.17 -43.02
CA PHE A 17 38.02 -86.00 -42.81
C PHE A 17 37.39 -84.82 -43.53
N ILE A 18 37.67 -83.60 -43.08
CA ILE A 18 37.05 -82.42 -43.66
C ILE A 18 37.78 -82.00 -44.92
N ARG A 19 37.04 -81.96 -46.03
CA ARG A 19 37.57 -81.47 -47.30
C ARG A 19 37.86 -79.97 -47.24
N ARG A 20 38.96 -79.58 -47.85
CA ARG A 20 39.49 -78.23 -47.70
C ARG A 20 39.10 -77.31 -48.85
N ASP A 21 38.28 -77.81 -49.76
CA ASP A 21 37.95 -77.06 -50.97
C ASP A 21 36.49 -77.14 -51.38
N ILE A 22 35.71 -77.92 -50.63
CA ILE A 22 34.29 -78.09 -50.91
C ILE A 22 33.45 -77.82 -49.64
N ALA A 23 32.17 -77.50 -49.85
CA ALA A 23 31.22 -77.26 -48.75
C ALA A 23 31.12 -78.50 -47.85
N GLN A 24 31.52 -78.34 -46.58
CA GLN A 24 31.56 -79.46 -45.63
C GLN A 24 30.70 -79.25 -44.39
N THR A 25 29.91 -80.26 -44.03
CA THR A 25 29.25 -80.31 -42.72
C THR A 25 30.16 -81.04 -41.75
N VAL A 26 30.47 -80.42 -40.62
CA VAL A 26 31.32 -81.02 -39.61
C VAL A 26 30.50 -81.46 -38.41
N ASN A 27 30.57 -82.74 -38.07
CA ASN A 27 29.81 -83.28 -36.94
C ASN A 27 30.67 -83.56 -35.72
N GLY A 28 31.95 -83.21 -35.82
CA GLY A 28 32.81 -83.17 -34.65
C GLY A 28 32.73 -81.80 -33.98
N SER A 29 33.08 -81.76 -32.69
CA SER A 29 33.22 -80.50 -31.98
C SER A 29 34.66 -79.98 -32.11
N LEU A 30 34.85 -78.97 -32.95
CA LEU A 30 36.16 -78.36 -33.20
C LEU A 30 36.60 -77.42 -32.08
N THR A 31 37.88 -77.53 -31.70
CA THR A 31 38.51 -76.60 -30.75
C THR A 31 39.69 -75.93 -31.42
N LEU A 32 39.50 -74.68 -31.84
CA LEU A 32 40.53 -73.92 -32.52
C LEU A 32 41.44 -73.26 -31.49
N THR A 33 42.73 -73.58 -31.52
CA THR A 33 43.67 -73.13 -30.49
C THR A 33 44.55 -71.97 -30.96
N GLN A 34 44.46 -71.68 -32.26
CA GLN A 34 45.17 -70.56 -32.88
C GLN A 34 44.15 -69.54 -33.38
N GLN A 35 44.63 -68.34 -33.73
CA GLN A 35 43.75 -67.30 -34.28
C GLN A 35 42.96 -67.87 -35.43
N THR A 36 41.65 -67.62 -35.43
CA THR A 36 40.78 -67.95 -36.54
C THR A 36 40.54 -66.67 -37.32
N ASN A 37 40.68 -66.76 -38.64
CA ASN A 37 40.51 -65.61 -39.49
C ASN A 37 39.38 -65.89 -40.43
N LEU A 38 38.43 -64.97 -40.50
CA LEU A 38 37.35 -65.09 -41.46
C LEU A 38 37.41 -63.95 -42.45
N SER A 39 36.94 -64.21 -43.67
CA SER A 39 36.81 -63.16 -44.66
C SER A 39 35.45 -63.30 -45.33
N ALA A 40 34.57 -64.03 -44.67
CA ALA A 40 33.19 -64.15 -45.13
C ALA A 40 32.22 -64.18 -43.94
N PRO A 41 30.92 -63.98 -44.19
CA PRO A 41 29.96 -63.93 -43.09
C PRO A 41 29.99 -65.14 -42.16
N LEU A 42 29.80 -64.88 -40.86
CA LEU A 42 29.59 -65.91 -39.86
C LEU A 42 28.11 -65.90 -39.52
N VAL A 43 27.43 -67.03 -39.76
CA VAL A 43 25.99 -67.12 -39.59
C VAL A 43 25.64 -68.28 -38.66
N SER A 44 25.13 -67.95 -37.47
CA SER A 44 24.79 -68.94 -36.47
C SER A 44 23.33 -68.91 -36.09
N SER A 45 22.76 -70.09 -35.81
CA SER A 45 21.40 -70.18 -35.28
C SER A 45 21.44 -70.23 -33.75
N SER A 46 22.65 -70.16 -33.20
CA SER A 46 22.87 -70.35 -31.79
C SER A 46 23.55 -69.14 -31.13
N THR A 47 24.12 -69.38 -29.97
CA THR A 47 24.66 -68.34 -29.10
C THR A 47 26.14 -68.10 -29.35
N GLY A 48 26.62 -66.97 -28.83
CA GLY A 48 28.03 -66.62 -28.84
C GLY A 48 28.43 -66.16 -27.45
N GLU A 49 29.62 -66.55 -27.03
CA GLU A 49 30.17 -66.16 -25.75
C GLU A 49 31.65 -65.91 -25.98
N PHE A 50 32.12 -64.72 -25.60
CA PHE A 50 33.52 -64.36 -25.70
C PHE A 50 34.05 -64.03 -24.34
N GLY A 51 35.14 -64.69 -23.94
CA GLY A 51 35.77 -64.43 -22.65
C GLY A 51 36.69 -63.22 -22.73
N GLY A 52 36.90 -62.72 -23.93
CA GLY A 52 37.60 -61.45 -24.13
C GLY A 52 36.61 -60.40 -24.64
N SER A 53 37.14 -59.22 -24.92
CA SER A 53 36.33 -58.12 -25.46
C SER A 53 35.88 -58.38 -26.90
N LEU A 54 34.93 -57.59 -27.36
CA LEU A 54 34.32 -57.79 -28.66
C LEU A 54 34.20 -56.46 -29.40
N ALA A 55 34.38 -56.50 -30.72
CA ALA A 55 34.24 -55.29 -31.52
C ALA A 55 33.63 -55.62 -32.86
N ALA A 56 32.81 -54.70 -33.36
CA ALA A 56 32.22 -54.84 -34.68
C ALA A 56 32.28 -53.49 -35.37
N ASN A 57 31.94 -53.48 -36.66
CA ASN A 57 31.98 -52.25 -37.44
C ASN A 57 30.61 -51.63 -37.66
N ARG A 58 30.51 -50.35 -37.31
CA ARG A 58 29.39 -49.46 -37.64
C ARG A 58 28.08 -49.70 -36.90
N THR A 59 27.57 -50.94 -36.88
CA THR A 59 26.25 -51.20 -36.32
C THR A 59 26.22 -52.53 -35.56
N PHE A 60 25.53 -52.49 -34.44
CA PHE A 60 25.18 -53.70 -33.72
C PHE A 60 23.64 -53.73 -33.62
N THR A 61 23.04 -54.82 -34.08
CA THR A 61 21.57 -54.96 -34.05
C THR A 61 21.20 -56.07 -33.08
N ILE A 62 20.25 -55.79 -32.18
CA ILE A 62 19.68 -56.85 -31.34
C ILE A 62 18.32 -57.19 -31.96
N ARG A 63 18.24 -58.40 -32.49
CA ARG A 63 17.08 -58.85 -33.24
C ARG A 63 16.01 -59.30 -32.28
N ASN A 64 14.77 -59.14 -32.70
CA ASN A 64 13.64 -59.41 -31.85
C ASN A 64 12.75 -60.42 -32.56
N THR A 65 12.60 -61.59 -31.95
CA THR A 65 11.72 -62.62 -32.51
C THR A 65 10.52 -62.93 -31.61
N GLY A 66 10.17 -62.01 -30.72
CA GLY A 66 8.94 -62.09 -29.93
C GLY A 66 9.07 -61.63 -28.48
N ALA A 67 10.30 -61.47 -28.02
CA ALA A 67 10.58 -60.95 -26.67
C ALA A 67 11.45 -59.67 -26.74
N PRO A 68 11.13 -58.65 -25.92
CA PRO A 68 11.85 -57.38 -26.00
C PRO A 68 13.35 -57.53 -25.82
N THR A 69 14.09 -56.74 -26.59
CA THR A 69 15.54 -56.78 -26.60
C THR A 69 16.15 -55.97 -25.46
N SER A 70 17.37 -56.35 -25.05
CA SER A 70 18.04 -55.63 -23.99
C SER A 70 19.54 -55.77 -24.07
N ILE A 71 20.23 -54.85 -23.41
CA ILE A 71 21.64 -55.01 -23.09
C ILE A 71 21.80 -55.14 -21.59
N VAL A 72 22.62 -56.09 -21.15
CA VAL A 72 22.88 -56.23 -19.72
C VAL A 72 24.34 -55.88 -19.40
N PHE A 73 24.52 -55.06 -18.38
CA PHE A 73 25.84 -54.66 -17.89
C PHE A 73 26.03 -55.29 -16.52
N GLU A 74 26.88 -56.31 -16.45
CA GLU A 74 27.04 -57.11 -15.23
C GLU A 74 27.80 -56.35 -14.18
N LYS A 75 27.42 -56.56 -12.92
CA LYS A 75 28.02 -55.87 -11.79
C LYS A 75 29.41 -56.46 -11.43
N GLY A 76 29.62 -57.74 -11.70
CA GLY A 76 30.89 -58.39 -11.36
C GLY A 76 31.17 -58.49 -9.87
N PRO A 77 32.43 -58.82 -9.50
CA PRO A 77 32.76 -58.90 -8.07
C PRO A 77 32.65 -57.53 -7.41
N ALA A 78 32.43 -57.52 -6.11
CA ALA A 78 32.27 -56.28 -5.35
C ALA A 78 33.63 -55.71 -4.97
N SER A 79 34.35 -55.24 -5.99
CA SER A 79 35.69 -54.71 -5.81
C SER A 79 35.97 -53.66 -6.87
N GLY A 80 37.09 -52.94 -6.69
CA GLY A 80 37.57 -51.96 -7.68
C GLY A 80 36.53 -50.91 -7.98
N ALA A 81 36.26 -50.69 -9.27
CA ALA A 81 35.31 -49.64 -9.72
C ALA A 81 33.97 -50.23 -10.15
N ASN A 82 33.66 -51.41 -9.62
CA ASN A 82 32.43 -52.10 -9.99
C ASN A 82 31.18 -51.52 -9.34
N PRO A 83 30.02 -51.63 -10.03
CA PRO A 83 28.77 -51.16 -9.44
C PRO A 83 28.24 -52.15 -8.40
N ALA A 84 27.37 -51.67 -7.50
CA ALA A 84 26.73 -52.54 -6.51
C ALA A 84 25.66 -53.45 -7.12
N GLN A 85 25.08 -53.03 -8.24
CA GLN A 85 24.03 -53.82 -8.92
C GLN A 85 24.27 -53.81 -10.41
N SER A 86 23.76 -54.84 -11.08
CA SER A 86 23.81 -54.94 -12.54
C SER A 86 22.81 -53.98 -13.14
N MSE A 87 23.01 -53.60 -14.40
CA MSE A 87 22.06 -52.72 -15.04
C MSE A 87 21.68 -53.21 -16.41
O MSE A 87 22.39 -54.05 -17.00
CB MSE A 87 22.63 -51.30 -15.11
CG MSE A 87 22.71 -50.65 -13.76
SE MSE A 87 23.07 -48.75 -13.93
CE MSE A 87 21.20 -48.24 -14.36
N SER A 88 20.55 -52.71 -16.92
CA SER A 88 20.13 -53.06 -18.27
C SER A 88 19.51 -51.89 -19.01
N ILE A 89 19.54 -51.97 -20.34
CA ILE A 89 18.75 -51.12 -21.21
C ILE A 89 17.78 -52.09 -21.82
N ARG A 90 16.49 -51.78 -21.77
CA ARG A 90 15.46 -52.63 -22.38
C ARG A 90 14.51 -51.78 -23.22
N VAL A 91 14.22 -52.26 -24.42
CA VAL A 91 13.30 -51.58 -25.32
C VAL A 91 12.03 -52.44 -25.46
N TRP A 92 10.92 -51.93 -24.97
CA TRP A 92 9.71 -52.75 -24.76
C TRP A 92 8.47 -51.88 -24.88
N GLY A 93 7.29 -52.51 -24.81
CA GLY A 93 6.04 -51.78 -24.81
C GLY A 93 4.90 -52.66 -24.32
N ASN A 94 3.72 -52.08 -24.16
CA ASN A 94 2.52 -52.86 -23.77
C ASN A 94 1.34 -52.67 -24.71
N GLN A 95 1.58 -52.06 -25.87
CA GLN A 95 0.46 -51.79 -26.77
C GLN A 95 -0.23 -53.09 -27.22
N PHE A 96 0.56 -54.14 -27.36
CA PHE A 96 0.13 -55.41 -27.95
C PHE A 96 -0.09 -56.54 -26.93
N GLY A 97 0.01 -56.20 -25.65
CA GLY A 97 -0.02 -57.18 -24.58
C GLY A 97 -1.41 -57.56 -24.11
N GLY A 98 -2.44 -56.83 -24.56
CA GLY A 98 -3.82 -57.11 -24.16
C GLY A 98 -4.10 -56.91 -22.67
N GLY A 99 -3.31 -56.06 -22.02
CA GLY A 99 -3.50 -55.78 -20.61
C GLY A 99 -4.43 -54.61 -20.38
N SER A 100 -4.58 -54.21 -19.13
CA SER A 100 -5.41 -53.03 -18.79
C SER A 100 -4.77 -51.69 -19.22
N ASP A 101 -3.44 -51.66 -19.32
CA ASP A 101 -2.73 -50.53 -19.91
C ASP A 101 -2.09 -50.96 -21.22
N THR A 102 -2.48 -50.29 -22.31
CA THR A 102 -1.87 -50.53 -23.62
C THR A 102 -1.34 -49.23 -24.21
N THR A 103 -1.05 -48.26 -23.36
CA THR A 103 -0.69 -46.92 -23.87
C THR A 103 0.83 -46.69 -23.93
N ARG A 104 1.61 -47.61 -23.37
CA ARG A 104 3.08 -47.48 -23.39
C ARG A 104 3.66 -48.14 -24.65
N SER A 105 3.57 -47.44 -25.78
CA SER A 105 3.86 -48.04 -27.07
C SER A 105 5.31 -48.42 -27.26
N THR A 106 6.24 -47.52 -26.94
CA THR A 106 7.67 -47.77 -27.17
C THR A 106 8.44 -47.16 -26.02
N VAL A 107 9.14 -47.99 -25.27
CA VAL A 107 9.79 -47.58 -24.02
C VAL A 107 11.26 -47.94 -24.09
N PHE A 108 12.13 -46.96 -23.76
CA PHE A 108 13.56 -47.20 -23.66
C PHE A 108 13.88 -47.04 -22.18
N GLU A 109 14.13 -48.16 -21.50
CA GLU A 109 14.19 -48.16 -20.04
C GLU A 109 15.55 -48.59 -19.53
N VAL A 110 16.10 -47.80 -18.61
CA VAL A 110 17.41 -48.08 -18.06
C VAL A 110 17.25 -48.19 -16.55
N GLY A 111 17.79 -49.25 -15.95
CA GLY A 111 17.57 -49.47 -14.54
C GLY A 111 18.45 -50.56 -14.01
N ASP A 112 18.33 -50.78 -12.70
CA ASP A 112 19.09 -51.85 -12.06
C ASP A 112 18.15 -52.94 -11.54
N ASP A 113 18.73 -53.81 -10.71
CA ASP A 113 18.05 -54.94 -10.10
C ASP A 113 16.84 -54.47 -9.26
N THR A 114 16.93 -53.27 -8.66
CA THR A 114 15.89 -52.79 -7.76
C THR A 114 14.73 -52.11 -8.46
N SER A 115 15.02 -51.25 -9.43
CA SER A 115 13.98 -50.50 -10.16
C SER A 115 14.60 -49.76 -11.33
N HIS A 116 13.78 -49.16 -12.16
CA HIS A 116 14.29 -48.33 -13.23
C HIS A 116 14.91 -47.06 -12.60
N HIS A 117 15.91 -46.51 -13.30
CA HIS A 117 16.49 -45.19 -12.97
C HIS A 117 15.74 -44.14 -13.79
N PHE A 118 15.54 -44.45 -15.07
CA PHE A 118 14.85 -43.55 -15.97
C PHE A 118 14.35 -44.29 -17.19
N TYR A 119 13.40 -43.69 -17.88
CA TYR A 119 13.01 -44.17 -19.20
C TYR A 119 12.52 -43.05 -20.08
N SER A 120 12.65 -43.23 -21.40
CA SER A 120 11.89 -42.39 -22.31
C SER A 120 10.82 -43.28 -22.92
N GLN A 121 9.69 -42.69 -23.30
CA GLN A 121 8.69 -43.49 -23.98
C GLN A 121 7.91 -42.62 -24.92
N ARG A 122 7.44 -43.21 -26.01
CA ARG A 122 6.41 -42.59 -26.83
C ARG A 122 5.10 -43.31 -26.50
N ASN A 123 4.07 -42.57 -26.12
CA ASN A 123 2.81 -43.25 -25.83
C ASN A 123 2.00 -43.54 -27.09
N LYS A 124 0.85 -44.18 -26.91
CA LYS A 124 -0.01 -44.54 -28.03
C LYS A 124 -0.52 -43.27 -28.75
N ASP A 125 -0.67 -42.17 -28.02
CA ASP A 125 -0.99 -40.87 -28.62
C ASP A 125 0.16 -40.20 -29.40
N GLY A 126 1.36 -40.76 -29.31
CA GLY A 126 2.50 -40.24 -30.08
C GLY A 126 3.38 -39.25 -29.33
N ASN A 127 2.99 -38.92 -28.10
CA ASN A 127 3.74 -37.97 -27.28
C ASN A 127 4.87 -38.63 -26.49
N ILE A 128 5.95 -37.89 -26.24
CA ILE A 128 7.15 -38.39 -25.59
C ILE A 128 7.24 -37.90 -24.15
N ALA A 129 7.60 -38.82 -23.26
CA ALA A 129 7.89 -38.47 -21.87
C ALA A 129 9.26 -39.02 -21.53
N PHE A 130 9.99 -38.30 -20.69
CA PHE A 130 11.26 -38.78 -20.16
C PHE A 130 11.08 -38.78 -18.64
N ASN A 131 10.98 -39.98 -18.08
CA ASN A 131 10.73 -40.13 -16.66
C ASN A 131 12.00 -40.42 -15.88
N ILE A 132 12.23 -39.67 -14.81
CA ILE A 132 13.39 -39.87 -13.95
C ILE A 132 12.88 -40.25 -12.56
N ASN A 133 13.31 -41.42 -12.09
CA ASN A 133 12.82 -42.01 -10.85
C ASN A 133 13.54 -41.44 -9.63
N GLY A 134 13.56 -40.11 -9.53
CA GLY A 134 14.36 -39.43 -8.50
C GLY A 134 14.65 -37.99 -8.90
N THR A 135 15.83 -37.51 -8.51
CA THR A 135 16.19 -36.10 -8.64
C THR A 135 16.95 -35.82 -9.93
N VAL A 136 16.42 -34.92 -10.75
CA VAL A 136 17.18 -34.44 -11.91
C VAL A 136 18.10 -33.28 -11.47
N MSE A 137 19.37 -33.40 -11.81
CA MSE A 137 20.38 -32.42 -11.42
C MSE A 137 21.14 -31.88 -12.62
O MSE A 137 22.26 -32.36 -12.94
CB MSE A 137 21.34 -33.04 -10.40
CG MSE A 137 20.59 -33.61 -9.21
SE MSE A 137 21.81 -34.39 -7.91
CE MSE A 137 22.86 -32.76 -7.50
N PRO A 138 20.54 -30.91 -13.31
CA PRO A 138 21.24 -30.25 -14.42
C PRO A 138 22.04 -29.06 -13.88
N ILE A 139 22.82 -28.44 -14.76
CA ILE A 139 23.35 -27.12 -14.45
C ILE A 139 22.22 -26.14 -14.78
N ASN A 140 21.98 -25.90 -16.07
CA ASN A 140 20.90 -25.00 -16.47
C ASN A 140 19.65 -25.77 -16.91
N ILE A 141 18.50 -25.08 -16.90
CA ILE A 141 17.25 -25.58 -17.45
C ILE A 141 16.75 -24.57 -18.46
N ASN A 142 16.40 -25.04 -19.65
CA ASN A 142 15.76 -24.19 -20.64
C ASN A 142 14.59 -24.94 -21.29
N ALA A 143 13.38 -24.68 -20.78
CA ALA A 143 12.20 -25.39 -21.21
C ALA A 143 11.39 -24.52 -22.19
N SER A 144 11.05 -25.08 -23.36
CA SER A 144 10.29 -24.32 -24.35
C SER A 144 8.78 -24.30 -24.08
N GLY A 145 8.32 -25.22 -23.23
CA GLY A 145 6.89 -25.35 -22.94
C GLY A 145 6.58 -24.96 -21.50
N LEU A 146 5.66 -25.69 -20.90
CA LEU A 146 5.09 -25.38 -19.59
C LEU A 146 5.91 -25.99 -18.46
N MSE A 147 5.76 -25.47 -17.26
CA MSE A 147 6.35 -26.10 -16.08
C MSE A 147 5.30 -26.28 -15.00
O MSE A 147 4.49 -25.39 -14.72
CB MSE A 147 7.53 -25.27 -15.57
CB MSE A 147 7.50 -25.27 -15.52
CG MSE A 147 8.47 -26.06 -14.67
CG MSE A 147 7.71 -25.53 -14.03
SE MSE A 147 9.29 -24.90 -13.38
SE MSE A 147 9.01 -24.37 -13.18
CE MSE A 147 7.59 -24.37 -12.59
CE MSE A 147 10.56 -25.39 -13.83
N ASN A 148 5.30 -27.47 -14.39
CA ASN A 148 4.54 -27.73 -13.19
C ASN A 148 5.47 -28.36 -12.16
N VAL A 149 5.39 -27.88 -10.93
CA VAL A 149 6.14 -28.44 -9.81
C VAL A 149 5.14 -28.60 -8.66
N ASN A 150 4.95 -29.82 -8.18
CA ASN A 150 3.95 -30.04 -7.11
C ASN A 150 4.43 -29.66 -5.70
N GLY A 151 5.73 -29.79 -5.46
CA GLY A 151 6.30 -29.51 -4.14
C GLY A 151 6.84 -28.09 -4.00
N THR A 152 7.47 -27.83 -2.85
CA THR A 152 8.00 -26.50 -2.56
CA THR A 152 8.06 -26.55 -2.49
C THR A 152 9.13 -26.15 -3.51
N ALA A 153 9.20 -24.87 -3.87
CA ALA A 153 10.24 -24.36 -4.76
C ALA A 153 11.10 -23.34 -4.06
N THR A 154 12.41 -23.40 -4.31
CA THR A 154 13.35 -22.44 -3.78
C THR A 154 14.26 -21.96 -4.93
N PHE A 155 14.49 -20.65 -4.98
CA PHE A 155 15.33 -20.02 -6.00
C PHE A 155 16.45 -19.27 -5.32
N GLY A 156 17.65 -19.34 -5.88
CA GLY A 156 18.81 -18.72 -5.22
C GLY A 156 19.07 -17.25 -5.54
N ARG A 157 18.42 -16.74 -6.59
CA ARG A 157 18.63 -15.37 -7.05
C ARG A 157 17.28 -14.76 -7.44
N SER A 158 17.26 -13.89 -8.46
CA SER A 158 16.01 -13.25 -8.85
C SER A 158 15.16 -14.19 -9.66
N VAL A 159 13.87 -13.86 -9.69
CA VAL A 159 12.88 -14.57 -10.47
C VAL A 159 12.10 -13.52 -11.25
N THR A 160 12.23 -13.55 -12.57
CA THR A 160 11.55 -12.60 -13.43
C THR A 160 10.51 -13.31 -14.31
N ALA A 161 9.28 -12.81 -14.34
CA ALA A 161 8.25 -13.31 -15.25
C ALA A 161 7.81 -12.21 -16.22
N ASN A 162 7.56 -12.58 -17.48
CA ASN A 162 6.92 -11.65 -18.41
C ASN A 162 5.44 -11.53 -18.15
N GLY A 163 4.88 -12.53 -17.49
CA GLY A 163 3.49 -12.47 -17.04
C GLY A 163 3.34 -12.12 -15.57
N GLU A 164 2.13 -12.34 -15.08
CA GLU A 164 1.73 -12.03 -13.71
C GLU A 164 2.14 -13.16 -12.74
N PHE A 165 2.48 -12.78 -11.50
CA PHE A 165 2.61 -13.76 -10.40
C PHE A 165 1.27 -13.83 -9.67
N ILE A 166 0.75 -15.04 -9.50
CA ILE A 166 -0.57 -15.22 -8.89
C ILE A 166 -0.43 -16.22 -7.76
N SER A 167 -0.85 -15.83 -6.55
CA SER A 167 -0.91 -16.76 -5.43
C SER A 167 -2.37 -17.08 -5.09
N LYS A 168 -2.64 -18.35 -4.76
CA LYS A 168 -3.95 -18.78 -4.28
C LYS A 168 -3.94 -18.97 -2.75
N SER A 169 -2.85 -18.58 -2.12
CA SER A 169 -2.67 -18.67 -0.68
C SER A 169 -3.16 -17.37 0.00
N ALA A 170 -3.86 -17.48 1.13
CA ALA A 170 -4.33 -16.28 1.84
C ALA A 170 -3.15 -15.34 2.09
N ASN A 171 -2.08 -15.84 2.74
CA ASN A 171 -0.81 -15.12 2.77
C ASN A 171 -0.16 -15.31 1.41
N ALA A 172 -0.12 -14.25 0.62
CA ALA A 172 0.23 -14.37 -0.81
C ALA A 172 1.66 -13.92 -1.14
N PHE A 173 2.10 -12.78 -0.61
CA PHE A 173 3.41 -12.23 -0.96
C PHE A 173 4.11 -11.75 0.30
N ARG A 174 5.32 -12.23 0.54
CA ARG A 174 6.02 -11.91 1.78
C ARG A 174 7.44 -11.45 1.49
N ALA A 175 7.84 -10.35 2.14
CA ALA A 175 9.19 -9.82 2.08
C ALA A 175 9.84 -9.93 3.46
N ILE A 176 10.89 -10.75 3.56
CA ILE A 176 11.60 -10.98 4.81
C ILE A 176 12.93 -10.26 4.79
N ASN A 177 13.17 -9.44 5.80
CA ASN A 177 14.49 -8.86 5.97
C ASN A 177 14.74 -8.52 7.45
N GLY A 178 15.96 -8.81 7.93
CA GLY A 178 16.27 -8.64 9.35
C GLY A 178 15.28 -9.41 10.18
N ASP A 179 14.75 -8.77 11.23
CA ASP A 179 13.86 -9.43 12.19
C ASP A 179 12.42 -9.65 11.73
N TYR A 180 12.05 -9.06 10.59
CA TYR A 180 10.61 -8.96 10.22
C TYR A 180 10.22 -9.53 8.87
N GLY A 181 9.07 -10.19 8.85
CA GLY A 181 8.39 -10.51 7.62
C GLY A 181 7.29 -9.48 7.41
N PHE A 182 7.21 -8.94 6.22
CA PHE A 182 6.07 -8.11 5.82
C PHE A 182 5.29 -8.91 4.79
N PHE A 183 3.96 -8.94 4.88
CA PHE A 183 3.22 -9.69 3.88
C PHE A 183 1.84 -9.16 3.53
N ILE A 184 1.42 -9.52 2.33
CA ILE A 184 0.09 -9.22 1.82
C ILE A 184 -0.77 -10.45 1.99
N ARG A 185 -1.90 -10.28 2.67
CA ARG A 185 -2.84 -11.36 2.97
C ARG A 185 -4.24 -11.00 2.44
N ASN A 186 -4.75 -11.77 1.49
CA ASN A 186 -6.14 -11.61 1.06
C ASN A 186 -6.91 -12.68 1.80
N ASP A 187 -7.73 -12.29 2.78
CA ASP A 187 -8.44 -13.33 3.53
C ASP A 187 -9.82 -13.66 2.98
N ALA A 188 -10.08 -13.18 1.76
CA ALA A 188 -11.37 -13.33 1.06
C ALA A 188 -12.33 -12.19 1.41
N SER A 189 -12.21 -11.64 2.61
CA SER A 189 -13.02 -10.45 2.99
C SER A 189 -12.27 -9.10 2.86
N ASN A 190 -11.03 -9.08 3.33
CA ASN A 190 -10.20 -7.87 3.26
C ASN A 190 -8.83 -8.31 2.83
N THR A 191 -8.10 -7.40 2.20
CA THR A 191 -6.68 -7.61 1.91
C THR A 191 -5.87 -6.76 2.86
N TYR A 192 -4.92 -7.38 3.54
CA TYR A 192 -4.16 -6.74 4.62
C TYR A 192 -2.70 -6.66 4.24
N PHE A 193 -2.04 -5.59 4.68
CA PHE A 193 -0.58 -5.51 4.68
C PHE A 193 -0.18 -5.76 6.15
N LEU A 194 0.54 -6.84 6.42
CA LEU A 194 0.74 -7.28 7.81
C LEU A 194 2.20 -7.49 8.13
N LEU A 195 2.49 -7.64 9.43
CA LEU A 195 3.85 -7.75 9.90
C LEU A 195 3.93 -8.89 10.90
N THR A 196 5.08 -9.57 10.94
CA THR A 196 5.32 -10.62 11.92
C THR A 196 5.87 -10.02 13.20
N ALA A 197 5.81 -10.78 14.29
CA ALA A 197 6.67 -10.53 15.43
C ALA A 197 8.14 -10.57 14.99
N ALA A 198 8.99 -9.85 15.71
CA ALA A 198 10.42 -9.90 15.49
C ALA A 198 10.90 -11.34 15.70
N GLY A 199 11.73 -11.81 14.76
CA GLY A 199 12.28 -13.17 14.83
C GLY A 199 11.30 -14.27 14.49
N ASP A 200 10.12 -13.90 13.99
CA ASP A 200 9.15 -14.88 13.54
C ASP A 200 8.79 -14.63 12.05
N GLN A 201 9.83 -14.42 11.24
CA GLN A 201 9.73 -13.89 9.87
C GLN A 201 8.84 -14.66 8.91
N THR A 202 8.75 -15.97 9.10
CA THR A 202 7.95 -16.79 8.23
C THR A 202 6.57 -17.11 8.83
N GLY A 203 6.33 -16.67 10.07
CA GLY A 203 5.12 -17.03 10.79
C GLY A 203 3.91 -16.13 10.55
N GLY A 204 2.96 -16.15 11.50
CA GLY A 204 1.71 -15.41 11.33
C GLY A 204 1.82 -13.92 11.61
N PHE A 205 0.72 -13.20 11.44
CA PHE A 205 0.72 -11.77 11.71
C PHE A 205 0.66 -11.55 13.22
N ASN A 206 1.29 -10.47 13.67
CA ASN A 206 1.09 -10.02 15.06
C ASN A 206 -0.22 -9.18 15.15
N GLY A 207 -0.31 -8.31 16.16
CA GLY A 207 -1.53 -7.56 16.39
C GLY A 207 -1.66 -6.28 15.58
N LEU A 208 -0.59 -5.87 14.90
CA LEU A 208 -0.58 -4.65 14.12
C LEU A 208 -1.48 -4.75 12.90
N ARG A 209 -2.13 -3.63 12.55
CA ARG A 209 -2.98 -3.58 11.36
C ARG A 209 -2.61 -2.32 10.56
N PRO A 210 -1.42 -2.33 9.92
CA PRO A 210 -0.95 -1.11 9.25
C PRO A 210 -1.92 -0.64 8.15
N LEU A 211 -2.34 -1.55 7.28
CA LEU A 211 -3.24 -1.16 6.19
C LEU A 211 -4.10 -2.33 5.79
N LEU A 212 -5.38 -2.07 5.50
CA LEU A 212 -6.23 -3.07 4.91
C LEU A 212 -7.16 -2.40 3.90
N ILE A 213 -7.64 -3.19 2.94
CA ILE A 213 -8.55 -2.75 1.89
C ILE A 213 -9.73 -3.69 1.93
N ASN A 214 -10.93 -3.16 2.01
CA ASN A 214 -12.11 -4.00 1.96
C ASN A 214 -12.29 -4.51 0.52
N ASN A 215 -12.43 -5.83 0.35
CA ASN A 215 -12.47 -6.40 -1.01
C ASN A 215 -13.74 -6.02 -1.75
N GLN A 216 -14.80 -5.72 -1.01
CA GLN A 216 -16.08 -5.40 -1.63
C GLN A 216 -16.27 -3.91 -1.96
N SER A 217 -15.85 -3.05 -1.02
CA SER A 217 -16.02 -1.62 -1.18
C SER A 217 -14.75 -0.87 -1.63
N GLY A 218 -13.57 -1.47 -1.42
CA GLY A 218 -12.30 -0.82 -1.71
C GLY A 218 -11.89 0.19 -0.65
N GLN A 219 -12.71 0.34 0.38
CA GLN A 219 -12.38 1.29 1.48
C GLN A 219 -11.10 0.87 2.21
N ILE A 220 -10.24 1.84 2.48
CA ILE A 220 -8.99 1.57 3.17
C ILE A 220 -9.04 1.97 4.64
N THR A 221 -8.51 1.10 5.51
CA THR A 221 -8.31 1.42 6.92
C THR A 221 -6.83 1.34 7.26
N ILE A 222 -6.30 2.42 7.83
CA ILE A 222 -4.94 2.47 8.32
C ILE A 222 -5.03 2.41 9.84
N GLY A 223 -4.39 1.40 10.46
CA GLY A 223 -4.72 1.12 11.87
C GLY A 223 -3.72 1.52 12.93
N GLU A 224 -2.53 1.96 12.52
CA GLU A 224 -1.46 2.27 13.50
C GLU A 224 -0.93 3.69 13.34
N GLY A 225 -1.77 4.59 12.84
CA GLY A 225 -1.37 6.01 12.69
C GLY A 225 -0.83 6.33 11.32
N LEU A 226 -0.96 7.59 10.92
CA LEU A 226 -0.55 8.03 9.59
C LEU A 226 0.16 9.38 9.69
N ILE A 227 1.32 9.48 9.05
CA ILE A 227 2.03 10.74 8.87
C ILE A 227 2.01 11.02 7.37
N ILE A 228 1.66 12.26 6.98
CA ILE A 228 1.71 12.69 5.57
C ILE A 228 2.60 13.93 5.42
N ALA A 229 3.46 13.94 4.40
CA ALA A 229 4.19 15.14 4.00
C ALA A 229 3.68 15.62 2.64
N LYS A 230 3.84 16.93 2.39
CA LYS A 230 3.49 17.57 1.11
C LYS A 230 1.98 17.65 0.81
N GLY A 231 1.17 17.73 1.87
CA GLY A 231 -0.22 18.17 1.74
C GLY A 231 -1.23 17.05 1.58
N VAL A 232 -2.47 17.35 1.98
CA VAL A 232 -3.58 16.42 1.82
C VAL A 232 -4.75 17.19 1.21
N THR A 233 -5.47 16.57 0.27
CA THR A 233 -6.74 17.13 -0.20
C THR A 233 -7.77 16.04 -0.13
N ILE A 234 -8.91 16.34 0.49
CA ILE A 234 -10.07 15.47 0.41
C ILE A 234 -10.98 16.07 -0.68
N ASN A 235 -11.11 15.35 -1.79
CA ASN A 235 -11.88 15.81 -2.96
C ASN A 235 -13.36 15.78 -2.73
N SER A 236 -13.80 14.88 -1.87
CA SER A 236 -15.24 14.70 -1.62
C SER A 236 -15.44 13.91 -0.35
N GLY A 237 -16.62 14.05 0.24
CA GLY A 237 -17.07 13.21 1.34
C GLY A 237 -16.74 13.76 2.72
N GLY A 238 -15.96 14.84 2.79
CA GLY A 238 -15.69 15.51 4.08
C GLY A 238 -14.75 14.74 5.01
N LEU A 239 -14.62 15.23 6.24
CA LEU A 239 -13.67 14.67 7.20
C LEU A 239 -14.35 14.62 8.56
N THR A 240 -14.14 13.53 9.30
CA THR A 240 -14.64 13.40 10.68
C THR A 240 -13.41 13.06 11.51
N VAL A 241 -13.23 13.75 12.64
CA VAL A 241 -12.04 13.55 13.47
C VAL A 241 -12.47 13.29 14.90
N ASN A 242 -11.98 12.20 15.44
CA ASN A 242 -12.03 11.93 16.89
C ASN A 242 -10.58 12.07 17.40
N SER A 243 -10.28 13.08 18.22
CA SER A 243 -11.27 13.92 18.88
C SER A 243 -10.78 15.37 19.02
N ARG A 244 -9.81 15.79 18.21
CA ARG A 244 -9.35 17.18 18.23
C ARG A 244 -8.54 17.41 16.98
N ILE A 245 -8.45 18.69 16.59
CA ILE A 245 -7.58 19.09 15.48
C ILE A 245 -6.66 20.23 15.91
N ARG A 246 -5.36 20.01 15.76
CA ARG A 246 -4.39 21.09 15.99
C ARG A 246 -3.99 21.62 14.63
N SER A 247 -4.56 22.75 14.23
CA SER A 247 -4.13 23.37 13.00
C SER A 247 -3.13 24.44 13.38
N GLN A 248 -1.85 24.16 13.08
CA GLN A 248 -0.74 24.92 13.64
C GLN A 248 -0.22 25.93 12.62
N GLY A 249 -0.51 27.21 12.82
CA GLY A 249 -0.15 28.19 11.82
C GLY A 249 1.35 28.42 11.88
N THR A 250 1.90 28.99 10.83
CA THR A 250 3.34 29.31 10.73
C THR A 250 3.63 30.62 11.43
N LYS A 251 4.36 30.54 12.54
CA LYS A 251 4.60 31.71 13.36
C LYS A 251 5.82 32.45 12.83
N THR A 252 5.63 33.70 12.39
CA THR A 252 6.70 34.57 11.91
C THR A 252 6.70 35.83 12.78
N SER A 253 7.78 36.62 12.69
CA SER A 253 7.93 37.82 13.51
C SER A 253 6.95 38.92 13.09
N ASP A 254 6.45 38.84 11.85
CA ASP A 254 5.64 39.92 11.26
C ASP A 254 4.13 39.64 11.22
N LEU A 255 3.64 38.71 12.03
CA LEU A 255 2.21 38.33 12.03
C LEU A 255 1.26 39.52 12.11
N TYR A 256 1.62 40.54 12.87
CA TYR A 256 0.78 41.72 12.99
C TYR A 256 0.48 42.40 11.64
N THR A 257 1.48 42.46 10.76
CA THR A 257 1.33 43.19 9.48
C THR A 257 1.33 42.25 8.26
N ARG A 258 1.56 40.96 8.47
CA ARG A 258 1.79 40.04 7.35
C ARG A 258 0.57 39.86 6.47
N ALA A 259 0.71 40.18 5.18
CA ALA A 259 -0.37 39.93 4.22
C ALA A 259 -0.54 38.43 4.00
N PRO A 260 -1.80 37.93 3.89
CA PRO A 260 -1.96 36.52 3.58
C PRO A 260 -1.41 36.19 2.20
N THR A 261 -1.05 34.92 1.99
CA THR A 261 -0.68 34.43 0.68
C THR A 261 -1.50 33.20 0.45
N SER A 262 -1.41 32.64 -0.75
CA SER A 262 -2.10 31.41 -1.07
C SER A 262 -1.69 30.24 -0.16
N ASP A 263 -0.45 30.25 0.34
CA ASP A 263 0.01 29.25 1.31
C ASP A 263 -0.57 29.41 2.72
N THR A 264 -0.95 30.61 3.12
CA THR A 264 -1.33 30.86 4.53
C THR A 264 -2.81 31.14 4.77
N VAL A 265 -3.61 31.24 3.71
CA VAL A 265 -5.07 31.37 3.89
C VAL A 265 -5.56 30.06 4.48
N GLY A 266 -6.75 30.09 5.09
CA GLY A 266 -7.29 28.91 5.75
C GLY A 266 -7.30 29.10 7.26
N PHE A 267 -7.70 28.04 7.94
CA PHE A 267 -7.93 28.04 9.40
C PHE A 267 -6.67 27.54 10.08
N TRP A 268 -6.27 28.25 11.13
CA TRP A 268 -5.14 27.83 11.99
C TRP A 268 -5.16 28.70 13.22
N SER A 269 -4.41 28.29 14.25
CA SER A 269 -4.17 29.11 15.42
C SER A 269 -2.66 29.14 15.72
N ILE A 270 -2.21 30.24 16.31
CA ILE A 270 -0.82 30.43 16.69
C ILE A 270 -0.79 30.95 18.14
N ASP A 271 0.02 30.31 18.98
CA ASP A 271 0.27 30.78 20.35
C ASP A 271 1.35 31.89 20.28
N ILE A 272 0.96 33.16 20.42
CA ILE A 272 1.91 34.27 20.39
C ILE A 272 2.35 34.54 21.83
N ASN A 273 3.45 33.91 22.22
CA ASN A 273 3.86 33.96 23.60
C ASN A 273 5.10 34.83 23.87
N ASP A 274 5.67 35.44 22.83
CA ASP A 274 6.89 36.25 22.96
C ASP A 274 6.53 37.73 22.89
N SER A 275 6.99 38.50 23.89
CA SER A 275 6.65 39.92 23.97
C SER A 275 7.06 40.72 22.71
N ALA A 276 8.16 40.37 22.05
CA ALA A 276 8.55 41.09 20.85
C ALA A 276 7.39 41.09 19.81
N THR A 277 6.63 40.00 19.76
CA THR A 277 5.47 39.93 18.87
C THR A 277 4.21 40.43 19.59
N TYR A 278 3.92 39.93 20.79
CA TYR A 278 2.64 40.33 21.40
C TYR A 278 2.51 41.81 21.80
N ASN A 279 3.66 42.48 22.01
CA ASN A 279 3.62 43.94 22.24
C ASN A 279 3.10 44.71 21.02
N GLN A 280 3.13 44.09 19.86
CA GLN A 280 2.55 44.72 18.67
C GLN A 280 1.02 44.60 18.57
N PHE A 281 0.44 43.63 19.29
CA PHE A 281 -1.00 43.32 19.23
C PHE A 281 -1.74 44.05 20.34
N PRO A 282 -3.09 44.12 20.26
CA PRO A 282 -3.87 44.73 21.34
C PRO A 282 -3.66 44.00 22.66
N GLY A 283 -3.74 44.73 23.77
CA GLY A 283 -3.65 44.11 25.10
C GLY A 283 -5.01 43.79 25.69
N TYR A 284 -5.04 43.45 26.98
CA TYR A 284 -6.32 43.41 27.71
C TYR A 284 -6.41 44.69 28.48
N PHE A 285 -7.57 44.96 29.07
CA PHE A 285 -7.74 46.11 29.94
C PHE A 285 -7.96 45.62 31.35
N LYS A 286 -7.24 46.24 32.29
CA LYS A 286 -7.58 46.06 33.70
C LYS A 286 -8.90 46.76 33.91
N MSE A 287 -9.89 46.05 34.45
CA MSE A 287 -11.22 46.64 34.58
C MSE A 287 -11.37 47.28 35.97
O MSE A 287 -10.79 46.83 36.96
CB MSE A 287 -12.32 45.59 34.31
CG MSE A 287 -12.15 44.87 32.95
SE MSE A 287 -12.06 46.15 31.44
CE MSE A 287 -13.92 46.68 31.46
N VAL A 288 -12.14 48.36 36.02
CA VAL A 288 -12.36 49.11 37.24
C VAL A 288 -13.85 49.04 37.49
N GLU A 289 -14.24 48.61 38.69
CA GLU A 289 -15.65 48.53 39.04
C GLU A 289 -16.11 49.82 39.72
N LYS A 290 -17.17 50.40 39.17
CA LYS A 290 -17.84 51.52 39.77
C LYS A 290 -19.22 51.04 40.19
N THR A 291 -19.92 51.88 40.94
CA THR A 291 -21.17 51.47 41.55
C THR A 291 -22.14 52.60 41.39
N ASN A 292 -23.33 52.27 40.88
CA ASN A 292 -24.36 53.28 40.74
C ASN A 292 -24.82 53.78 42.13
N GLU A 293 -24.77 55.11 42.32
CA GLU A 293 -25.09 55.76 43.61
C GLU A 293 -26.50 55.45 44.12
N VAL A 294 -27.42 55.22 43.19
CA VAL A 294 -28.83 55.12 43.46
C VAL A 294 -29.32 53.67 43.56
N THR A 295 -28.86 52.81 42.67
CA THR A 295 -29.31 51.43 42.68
C THR A 295 -28.36 50.50 43.45
N GLY A 296 -27.11 50.92 43.66
CA GLY A 296 -26.10 50.02 44.20
C GLY A 296 -25.59 48.96 43.22
N LEU A 297 -26.05 49.00 41.98
CA LEU A 297 -25.59 48.02 40.98
C LEU A 297 -24.22 48.43 40.40
N PRO A 298 -23.25 47.50 40.37
CA PRO A 298 -21.92 47.80 39.85
C PRO A 298 -21.86 47.76 38.33
N TYR A 299 -20.88 48.47 37.77
CA TYR A 299 -20.61 48.38 36.34
C TYR A 299 -19.13 48.54 36.14
N LEU A 300 -18.63 47.99 35.04
CA LEU A 300 -17.21 48.02 34.74
C LEU A 300 -16.87 49.09 33.74
N GLU A 301 -15.64 49.62 33.89
CA GLU A 301 -15.10 50.63 33.02
C GLU A 301 -13.64 50.22 32.76
N ARG A 302 -13.10 50.59 31.60
CA ARG A 302 -11.75 50.16 31.26
C ARG A 302 -10.75 50.95 32.08
N GLY A 303 -9.78 50.25 32.65
CA GLY A 303 -8.63 50.88 33.26
C GLY A 303 -7.52 50.85 32.21
N GLU A 304 -6.29 50.57 32.64
CA GLU A 304 -5.15 50.65 31.72
C GLU A 304 -5.07 49.43 30.79
N GLU A 305 -4.64 49.66 29.56
CA GLU A 305 -4.36 48.56 28.64
C GLU A 305 -3.02 47.93 28.97
N VAL A 306 -2.97 46.60 29.00
CA VAL A 306 -1.73 45.86 29.30
C VAL A 306 -1.47 44.85 28.19
N LYS A 307 -0.28 44.91 27.58
CA LYS A 307 0.09 43.96 26.54
C LYS A 307 0.15 42.55 27.14
N SER A 308 -0.13 41.55 26.30
CA SER A 308 -0.26 40.17 26.80
C SER A 308 -0.02 39.16 25.70
N PRO A 309 0.52 37.97 26.05
CA PRO A 309 0.47 36.86 25.09
C PRO A 309 -0.99 36.50 24.78
N GLY A 310 -1.18 35.84 23.65
CA GLY A 310 -2.53 35.48 23.23
C GLY A 310 -2.52 34.49 22.10
N THR A 311 -3.72 34.12 21.66
CA THR A 311 -3.88 33.17 20.58
C THR A 311 -4.39 33.96 19.37
N LEU A 312 -3.68 33.83 18.25
CA LEU A 312 -4.14 34.39 16.97
C LEU A 312 -4.74 33.24 16.15
N THR A 313 -6.02 33.38 15.77
CA THR A 313 -6.72 32.35 15.01
C THR A 313 -7.27 32.98 13.72
N GLN A 314 -7.04 32.32 12.60
CA GLN A 314 -7.54 32.79 11.33
C GLN A 314 -8.60 31.85 10.78
N PHE A 315 -9.57 32.43 10.05
CA PHE A 315 -10.58 31.67 9.34
C PHE A 315 -10.70 32.22 7.93
N GLY A 316 -11.28 31.41 7.03
CA GLY A 316 -11.55 31.82 5.65
C GLY A 316 -10.57 31.14 4.73
N ASN A 317 -10.96 30.90 3.48
CA ASN A 317 -10.18 30.04 2.59
C ASN A 317 -9.47 30.75 1.43
N THR A 318 -9.74 32.04 1.24
CA THR A 318 -9.24 32.71 0.05
C THR A 318 -8.61 34.07 0.36
N LEU A 319 -7.96 34.66 -0.64
CA LEU A 319 -7.36 35.98 -0.46
C LEU A 319 -8.38 37.13 -0.38
N ASP A 320 -9.66 36.82 -0.65
CA ASP A 320 -10.77 37.77 -0.45
C ASP A 320 -11.46 37.56 0.89
N SER A 321 -11.53 36.28 1.31
CA SER A 321 -12.42 35.81 2.36
C SER A 321 -11.55 35.25 3.49
N LEU A 322 -11.25 36.11 4.47
CA LEU A 322 -10.22 35.82 5.46
C LEU A 322 -10.38 36.82 6.61
N TYR A 323 -10.38 36.30 7.84
CA TYR A 323 -10.51 37.18 9.01
C TYR A 323 -9.77 36.52 10.18
N GLN A 324 -9.50 37.31 11.22
CA GLN A 324 -8.74 36.80 12.38
C GLN A 324 -9.34 37.23 13.70
N ASP A 325 -9.11 36.39 14.71
CA ASP A 325 -9.48 36.66 16.08
C ASP A 325 -8.19 36.60 16.92
N TRP A 326 -8.06 37.55 17.85
CA TRP A 326 -6.92 37.62 18.77
C TRP A 326 -7.47 37.55 20.19
N ILE A 327 -7.15 36.47 20.91
CA ILE A 327 -7.69 36.23 22.26
C ILE A 327 -6.52 36.28 23.25
N THR A 328 -6.46 37.33 24.06
CA THR A 328 -5.35 37.40 25.02
C THR A 328 -5.52 36.33 26.08
N TYR A 329 -4.40 35.81 26.59
CA TYR A 329 -4.49 34.93 27.74
C TYR A 329 -3.68 35.44 28.91
N PRO A 330 -4.27 35.33 30.12
CA PRO A 330 -3.66 35.94 31.30
C PRO A 330 -2.50 35.12 31.82
N THR A 331 -1.42 35.81 32.19
CA THR A 331 -0.24 35.16 32.75
C THR A 331 0.14 35.73 34.12
N THR A 332 -0.71 36.60 34.66
CA THR A 332 -0.51 37.23 35.98
C THR A 332 -1.87 37.35 36.69
N PRO A 333 -1.87 37.57 38.03
CA PRO A 333 -3.12 37.47 38.78
C PRO A 333 -4.21 38.46 38.35
N GLU A 334 -3.83 39.68 37.97
CA GLU A 334 -4.81 40.70 37.62
C GLU A 334 -5.14 40.68 36.12
N ALA A 335 -4.46 39.82 35.37
CA ALA A 335 -4.67 39.78 33.92
C ALA A 335 -6.04 39.20 33.60
N ARG A 336 -6.65 39.69 32.54
CA ARG A 336 -7.95 39.22 32.12
C ARG A 336 -7.90 38.98 30.63
N THR A 337 -8.80 38.14 30.14
CA THR A 337 -8.85 37.85 28.72
C THR A 337 -9.73 38.87 27.99
N THR A 338 -9.21 39.39 26.88
CA THR A 338 -9.94 40.32 26.02
C THR A 338 -9.83 39.78 24.57
N ARG A 339 -10.91 39.84 23.81
CA ARG A 339 -10.88 39.35 22.43
C ARG A 339 -10.96 40.52 21.47
N TRP A 340 -10.30 40.39 20.33
CA TRP A 340 -10.20 41.43 19.30
C TRP A 340 -10.38 40.75 17.94
N THR A 341 -10.90 41.50 16.96
CA THR A 341 -11.16 40.93 15.64
C THR A 341 -10.70 41.87 14.52
N ARG A 342 -10.34 41.28 13.38
CA ARG A 342 -10.04 42.06 12.20
C ARG A 342 -10.32 41.25 10.95
N THR A 343 -10.42 41.96 9.82
CA THR A 343 -10.82 41.33 8.55
C THR A 343 -9.76 41.70 7.52
N TRP A 344 -9.33 40.75 6.70
CA TRP A 344 -8.43 41.04 5.58
C TRP A 344 -9.19 41.83 4.49
N GLN A 345 -8.59 42.95 4.06
CA GLN A 345 -9.22 43.82 3.06
C GLN A 345 -8.41 43.74 1.75
N LYS A 346 -8.74 42.75 0.93
CA LYS A 346 -7.99 42.48 -0.29
C LYS A 346 -7.82 43.75 -1.17
N THR A 347 -8.92 44.46 -1.43
CA THR A 347 -8.86 45.63 -2.33
C THR A 347 -8.04 46.79 -1.75
N LYS A 348 -7.96 46.91 -0.42
CA LYS A 348 -7.09 47.89 0.23
C LYS A 348 -5.69 47.34 0.50
N ASN A 349 -5.48 46.05 0.25
CA ASN A 349 -4.24 45.36 0.59
C ASN A 349 -3.80 45.56 2.07
N SER A 350 -4.74 45.45 3.00
CA SER A 350 -4.45 45.63 4.41
C SER A 350 -5.43 44.88 5.29
N TRP A 351 -5.01 44.62 6.53
CA TRP A 351 -5.92 44.11 7.56
C TRP A 351 -6.69 45.32 8.06
N SER A 352 -7.99 45.16 8.34
CA SER A 352 -8.66 46.19 9.13
C SER A 352 -7.97 46.31 10.51
N SER A 353 -8.17 47.44 11.18
CA SER A 353 -7.59 47.61 12.51
C SER A 353 -8.31 46.65 13.46
N PHE A 354 -7.57 46.05 14.39
CA PHE A 354 -8.24 45.24 15.42
C PHE A 354 -9.26 46.08 16.18
N VAL A 355 -10.47 45.54 16.38
CA VAL A 355 -11.43 46.20 17.25
C VAL A 355 -11.78 45.24 18.39
N GLN A 356 -12.12 45.81 19.54
CA GLN A 356 -12.40 44.99 20.72
C GLN A 356 -13.80 44.39 20.64
N VAL A 357 -13.89 43.11 20.98
CA VAL A 357 -15.19 42.47 21.15
C VAL A 357 -15.82 42.93 22.47
N PHE A 358 -17.11 43.28 22.44
CA PHE A 358 -17.80 43.68 23.68
C PHE A 358 -18.44 42.46 24.30
N ASP A 359 -18.10 42.20 25.56
CA ASP A 359 -18.61 41.04 26.28
C ASP A 359 -18.76 41.39 27.76
N GLY A 360 -19.30 40.48 28.56
CA GLY A 360 -19.54 40.77 29.99
C GLY A 360 -18.30 41.16 30.77
N GLY A 361 -17.14 40.69 30.34
CA GLY A 361 -15.88 41.05 30.98
C GLY A 361 -15.28 42.33 30.44
N ASN A 362 -15.78 42.78 29.27
CA ASN A 362 -15.26 43.93 28.53
C ASN A 362 -16.43 44.73 27.92
N PRO A 363 -17.31 45.31 28.77
CA PRO A 363 -18.54 45.92 28.22
C PRO A 363 -18.23 47.26 27.54
N PRO A 364 -19.13 47.73 26.64
CA PRO A 364 -18.93 49.08 26.13
C PRO A 364 -19.23 50.08 27.26
N GLN A 365 -18.58 51.23 27.21
CA GLN A 365 -18.86 52.34 28.14
C GLN A 365 -19.90 53.28 27.50
N PRO A 366 -20.64 54.05 28.33
CA PRO A 366 -21.55 55.09 27.80
C PRO A 366 -20.83 55.97 26.77
N SER A 367 -19.56 56.30 27.01
CA SER A 367 -18.81 57.19 26.12
C SER A 367 -18.48 56.52 24.78
N ASP A 368 -18.45 55.18 24.73
CA ASP A 368 -18.27 54.44 23.47
C ASP A 368 -19.50 54.51 22.59
N ILE A 369 -20.67 54.65 23.21
CA ILE A 369 -21.91 54.53 22.46
C ILE A 369 -22.71 55.86 22.31
N GLY A 370 -22.30 56.93 23.00
CA GLY A 370 -23.02 58.19 22.95
C GLY A 370 -24.23 58.19 23.87
N ALA A 371 -24.13 57.45 25.00
CA ALA A 371 -25.21 57.46 26.01
C ALA A 371 -24.79 58.26 27.23
N LEU A 372 -25.77 58.85 27.91
CA LEU A 372 -25.50 59.60 29.14
C LEU A 372 -25.07 58.63 30.26
N PRO A 373 -23.98 58.96 30.97
CA PRO A 373 -23.64 58.21 32.20
C PRO A 373 -24.79 58.23 33.21
N SER A 374 -24.91 57.16 33.98
CA SER A 374 -25.99 57.08 34.98
C SER A 374 -25.66 57.90 36.26
N ASP A 375 -24.40 58.27 36.44
CA ASP A 375 -23.92 58.94 37.68
C ASP A 375 -23.14 60.18 37.27
N ASN A 376 -23.30 61.30 38.01
CA ASN A 376 -22.38 62.45 37.93
C ASN A 376 -22.25 63.01 36.52
N ALA A 377 -23.38 63.07 35.82
CA ALA A 377 -23.34 63.36 34.38
C ALA A 377 -23.50 64.85 34.15
N THR A 378 -22.91 65.30 33.03
CA THR A 378 -23.06 66.65 32.51
C THR A 378 -23.50 66.54 31.05
N MSE A 379 -24.47 67.38 30.64
CA MSE A 379 -24.85 67.48 29.23
C MSE A 379 -25.26 68.93 28.90
O MSE A 379 -25.43 69.76 29.79
CB MSE A 379 -26.01 66.52 28.94
CG MSE A 379 -27.33 66.95 29.61
SE MSE A 379 -28.58 65.50 29.94
CE MSE A 379 -28.79 64.90 28.06
N GLY A 380 -25.39 69.22 27.62
CA GLY A 380 -25.76 70.56 27.20
C GLY A 380 -27.22 70.84 27.49
N ASN A 381 -28.10 69.94 27.06
CA ASN A 381 -29.52 70.21 27.17
C ASN A 381 -30.36 68.95 27.27
N LEU A 382 -31.48 69.09 27.97
CA LEU A 382 -32.40 68.00 28.21
C LEU A 382 -33.82 68.56 28.13
N THR A 383 -34.75 67.76 27.64
CA THR A 383 -36.15 68.11 27.60
C THR A 383 -36.94 67.01 28.31
N ILE A 384 -37.75 67.43 29.26
CA ILE A 384 -38.56 66.51 30.06
C ILE A 384 -40.01 66.86 29.75
N ARG A 385 -40.81 65.85 29.41
CA ARG A 385 -42.20 66.09 28.99
C ARG A 385 -43.19 66.16 30.16
N ASP A 386 -43.02 65.26 31.13
CA ASP A 386 -44.04 65.04 32.17
C ASP A 386 -43.68 65.55 33.55
N PHE A 387 -42.54 65.13 34.12
CA PHE A 387 -42.13 65.67 35.41
C PHE A 387 -40.64 65.51 35.70
N LEU A 388 -40.11 66.46 36.44
CA LEU A 388 -38.77 66.36 37.02
C LEU A 388 -38.93 66.40 38.53
N ARG A 389 -38.42 65.40 39.22
CA ARG A 389 -38.44 65.38 40.66
C ARG A 389 -37.01 65.59 41.17
N ILE A 390 -36.86 66.51 42.13
CA ILE A 390 -35.59 66.74 42.85
C ILE A 390 -35.84 66.53 44.35
N GLY A 391 -35.29 65.44 44.90
CA GLY A 391 -35.58 65.05 46.28
C GLY A 391 -37.07 64.79 46.36
N ASN A 392 -37.75 65.50 47.25
CA ASN A 392 -39.20 65.31 47.42
C ASN A 392 -40.07 66.31 46.69
N VAL A 393 -39.48 67.19 45.89
CA VAL A 393 -40.32 68.10 45.10
C VAL A 393 -40.41 67.71 43.62
N ARG A 394 -41.65 67.49 43.16
CA ARG A 394 -41.97 67.33 41.74
C ARG A 394 -42.16 68.68 41.10
N ILE A 395 -41.50 68.87 39.96
CA ILE A 395 -41.67 70.06 39.13
C ILE A 395 -42.43 69.65 37.85
N VAL A 396 -43.69 70.09 37.73
CA VAL A 396 -44.53 69.69 36.60
C VAL A 396 -44.92 70.91 35.74
N PRO A 397 -45.25 70.69 34.44
CA PRO A 397 -45.69 71.84 33.62
C PRO A 397 -47.04 72.37 34.12
N ASP A 398 -47.13 73.70 34.28
CA ASP A 398 -48.34 74.39 34.74
C ASP A 398 -48.89 75.29 33.61
N PRO A 399 -49.44 74.67 32.54
CA PRO A 399 -49.69 75.40 31.30
C PRO A 399 -50.74 76.51 31.43
N VAL A 400 -51.58 76.43 32.48
CA VAL A 400 -52.61 77.46 32.72
C VAL A 400 -52.02 78.81 33.17
N ASN A 401 -51.14 78.78 34.17
CA ASN A 401 -50.40 79.98 34.57
C ASN A 401 -49.13 80.14 33.71
N LYS A 402 -49.09 79.40 32.60
CA LYS A 402 -47.94 79.36 31.69
C LYS A 402 -46.57 79.31 32.41
N THR A 403 -46.43 78.32 33.30
CA THR A 403 -45.21 78.15 34.08
C THR A 403 -45.00 76.67 34.52
N VAL A 404 -44.30 76.47 35.64
CA VAL A 404 -44.17 75.14 36.26
C VAL A 404 -44.65 75.18 37.72
N LYS A 405 -45.35 74.12 38.10
CA LYS A 405 -45.88 73.97 39.43
C LYS A 405 -44.86 73.19 40.26
N PHE A 406 -44.76 73.53 41.55
CA PHE A 406 -43.99 72.74 42.52
C PHE A 406 -44.94 71.92 43.38
N GLU A 407 -44.46 70.81 43.90
CA GLU A 407 -45.36 69.76 44.36
C GLU A 407 -44.64 68.78 45.31
N TRP A 408 -44.69 69.07 46.61
CA TRP A 408 -44.01 68.25 47.60
C TRP A 408 -44.64 66.87 47.67
N VAL A 409 -43.82 65.82 47.68
CA VAL A 409 -44.26 64.42 47.78
C VAL A 409 -43.43 63.67 48.81
N PRO B 14 44.76 -85.55 -51.18
CA PRO B 14 46.14 -85.09 -51.11
C PRO B 14 46.32 -83.88 -50.17
N SER B 15 46.00 -82.70 -50.68
CA SER B 15 45.98 -81.46 -49.90
C SER B 15 44.62 -80.79 -50.07
N GLN B 16 43.62 -81.59 -50.43
CA GLN B 16 42.22 -81.16 -50.43
C GLN B 16 41.59 -81.51 -49.09
N PHE B 17 42.44 -81.57 -48.05
CA PHE B 17 42.03 -81.87 -46.69
C PHE B 17 42.72 -80.92 -45.70
N ILE B 18 41.99 -80.45 -44.69
CA ILE B 18 42.53 -79.46 -43.75
C ILE B 18 43.49 -80.08 -42.75
N ARG B 19 44.65 -79.44 -42.60
CA ARG B 19 45.67 -79.86 -41.65
C ARG B 19 45.37 -79.40 -40.23
N ARG B 20 45.67 -80.28 -39.28
CA ARG B 20 45.46 -80.04 -37.85
C ARG B 20 46.68 -79.42 -37.17
N ASP B 21 47.71 -79.10 -37.94
CA ASP B 21 49.01 -78.80 -37.35
C ASP B 21 49.68 -77.51 -37.82
N ILE B 22 49.35 -77.08 -39.04
CA ILE B 22 49.89 -75.83 -39.59
C ILE B 22 48.79 -74.92 -40.11
N ALA B 23 49.13 -73.66 -40.38
CA ALA B 23 48.22 -72.69 -40.97
C ALA B 23 47.56 -73.29 -42.22
N GLN B 24 46.28 -72.96 -42.44
CA GLN B 24 45.49 -73.56 -43.51
C GLN B 24 44.36 -72.65 -43.99
N THR B 25 44.38 -72.32 -45.27
CA THR B 25 43.31 -71.56 -45.90
C THR B 25 42.20 -72.51 -46.38
N VAL B 26 40.99 -72.31 -45.87
CA VAL B 26 39.83 -73.16 -46.22
C VAL B 26 38.94 -72.47 -47.25
N ASN B 27 38.70 -73.15 -48.37
CA ASN B 27 38.03 -72.54 -49.52
C ASN B 27 36.62 -73.07 -49.78
N GLY B 28 36.15 -73.94 -48.88
CA GLY B 28 34.77 -74.40 -48.93
C GLY B 28 34.01 -73.95 -47.69
N SER B 29 32.69 -73.79 -47.85
CA SER B 29 31.82 -73.32 -46.78
C SER B 29 31.57 -74.38 -45.69
N LEU B 30 32.15 -74.16 -44.51
CA LEU B 30 31.95 -75.06 -43.38
C LEU B 30 30.65 -74.81 -42.59
N THR B 31 29.93 -75.90 -42.31
CA THR B 31 28.78 -75.91 -41.41
C THR B 31 29.15 -76.72 -40.16
N LEU B 32 29.22 -76.04 -39.02
CA LEU B 32 29.56 -76.68 -37.76
C LEU B 32 28.30 -76.96 -36.95
N THR B 33 27.99 -78.25 -36.79
CA THR B 33 26.75 -78.70 -36.16
C THR B 33 26.91 -78.92 -34.66
N GLN B 34 28.17 -78.94 -34.21
CA GLN B 34 28.51 -79.11 -32.80
C GLN B 34 29.18 -77.85 -32.24
N GLN B 35 29.15 -77.69 -30.91
CA GLN B 35 29.75 -76.55 -30.24
C GLN B 35 31.17 -76.27 -30.78
N THR B 36 31.46 -75.00 -31.03
CA THR B 36 32.81 -74.57 -31.43
C THR B 36 33.49 -73.89 -30.25
N ASN B 37 34.67 -74.38 -29.90
CA ASN B 37 35.48 -73.72 -28.89
C ASN B 37 36.65 -72.99 -29.52
N LEU B 38 36.94 -71.78 -29.01
CA LEU B 38 38.13 -71.02 -29.39
C LEU B 38 38.90 -70.66 -28.13
N SER B 39 40.22 -70.64 -28.25
CA SER B 39 41.07 -70.22 -27.16
C SER B 39 42.05 -69.16 -27.66
N ALA B 40 41.78 -68.65 -28.86
CA ALA B 40 42.57 -67.55 -29.45
C ALA B 40 41.65 -66.55 -30.23
N PRO B 41 42.17 -65.36 -30.60
CA PRO B 41 41.33 -64.34 -31.24
C PRO B 41 40.60 -64.81 -32.49
N LEU B 42 39.36 -64.33 -32.64
CA LEU B 42 38.59 -64.48 -33.86
C LEU B 42 38.60 -63.13 -34.57
N VAL B 43 39.13 -63.12 -35.79
CA VAL B 43 39.27 -61.89 -36.56
C VAL B 43 38.59 -62.05 -37.89
N SER B 44 37.52 -61.30 -38.10
CA SER B 44 36.80 -61.33 -39.35
C SER B 44 36.86 -59.97 -40.02
N SER B 45 36.88 -60.00 -41.35
CA SER B 45 36.77 -58.77 -42.12
C SER B 45 35.32 -58.62 -42.57
N SER B 46 34.46 -59.49 -42.05
CA SER B 46 33.09 -59.56 -42.50
C SER B 46 32.07 -59.51 -41.32
N THR B 47 30.83 -59.91 -41.59
CA THR B 47 29.72 -59.76 -40.65
C THR B 47 29.58 -60.94 -39.67
N GLY B 48 28.83 -60.68 -38.59
CA GLY B 48 28.47 -61.71 -37.61
C GLY B 48 26.97 -61.68 -37.41
N GLU B 49 26.36 -62.87 -37.33
CA GLU B 49 24.93 -63.01 -37.13
C GLU B 49 24.68 -64.16 -36.18
N PHE B 50 24.09 -63.87 -35.02
CA PHE B 50 23.79 -64.93 -34.03
C PHE B 50 22.30 -65.06 -33.79
N GLY B 51 21.75 -66.25 -34.07
CA GLY B 51 20.32 -66.51 -33.89
C GLY B 51 19.94 -66.68 -32.42
N GLY B 52 20.93 -66.88 -31.58
CA GLY B 52 20.76 -66.84 -30.13
C GLY B 52 21.36 -65.57 -29.52
N SER B 53 21.38 -65.50 -28.20
CA SER B 53 21.94 -64.39 -27.46
C SER B 53 23.48 -64.34 -27.55
N LEU B 54 24.05 -63.20 -27.17
CA LEU B 54 25.49 -62.97 -27.30
C LEU B 54 26.02 -62.31 -26.04
N ALA B 55 27.24 -62.68 -25.68
CA ALA B 55 27.95 -62.09 -24.55
C ALA B 55 29.44 -61.87 -24.86
N ALA B 56 30.03 -60.85 -24.24
CA ALA B 56 31.45 -60.58 -24.35
C ALA B 56 31.95 -60.05 -23.02
N ASN B 57 33.26 -60.04 -22.83
CA ASN B 57 33.82 -59.64 -21.54
C ASN B 57 34.26 -58.20 -21.57
N ARG B 58 33.76 -57.44 -20.58
CA ARG B 58 34.23 -56.09 -20.24
C ARG B 58 33.84 -54.93 -21.19
N THR B 59 34.13 -55.06 -22.47
CA THR B 59 33.99 -53.95 -23.41
C THR B 59 33.46 -54.45 -24.74
N PHE B 60 32.45 -53.75 -25.24
CA PHE B 60 32.03 -53.87 -26.62
C PHE B 60 32.32 -52.55 -27.33
N THR B 61 33.02 -52.62 -28.46
CA THR B 61 33.42 -51.42 -29.22
C THR B 61 32.78 -51.47 -30.58
N ILE B 62 32.09 -50.39 -30.94
CA ILE B 62 31.59 -50.25 -32.28
C ILE B 62 32.56 -49.34 -33.02
N ARG B 63 33.20 -49.91 -34.04
CA ARG B 63 34.23 -49.21 -34.76
C ARG B 63 33.64 -48.36 -35.87
N ASN B 64 34.37 -47.31 -36.20
CA ASN B 64 33.90 -46.32 -37.13
C ASN B 64 34.95 -46.15 -38.24
N THR B 65 34.56 -46.47 -39.46
CA THR B 65 35.43 -46.30 -40.61
C THR B 65 34.86 -45.26 -41.59
N GLY B 66 33.99 -44.37 -41.11
CA GLY B 66 33.49 -43.28 -41.94
C GLY B 66 32.02 -42.90 -41.81
N ALA B 67 31.26 -43.66 -41.03
CA ALA B 67 29.82 -43.43 -40.83
C ALA B 67 29.53 -43.55 -39.34
N PRO B 68 28.58 -42.73 -38.84
CA PRO B 68 28.23 -42.80 -37.41
C PRO B 68 27.90 -44.22 -36.93
N THR B 69 28.29 -44.55 -35.71
CA THR B 69 28.03 -45.85 -35.13
C THR B 69 26.68 -45.88 -34.41
N SER B 70 26.07 -47.07 -34.34
CA SER B 70 24.78 -47.20 -33.72
C SER B 70 24.50 -48.61 -33.18
N ILE B 71 23.56 -48.67 -32.25
CA ILE B 71 22.96 -49.91 -31.79
C ILE B 71 21.47 -49.84 -32.13
N VAL B 72 20.94 -50.91 -32.71
CA VAL B 72 19.55 -50.96 -33.13
C VAL B 72 18.84 -52.01 -32.27
N PHE B 73 17.72 -51.60 -31.67
CA PHE B 73 16.87 -52.52 -30.90
C PHE B 73 15.62 -52.74 -31.73
N GLU B 74 15.49 -53.95 -32.29
CA GLU B 74 14.36 -54.30 -33.14
C GLU B 74 13.05 -54.41 -32.38
N LYS B 75 11.96 -54.00 -33.02
CA LYS B 75 10.63 -54.06 -32.43
C LYS B 75 10.03 -55.46 -32.40
N GLY B 76 10.42 -56.33 -33.35
CA GLY B 76 9.87 -57.69 -33.43
C GLY B 76 8.40 -57.77 -33.79
N PRO B 77 7.76 -58.95 -33.58
CA PRO B 77 6.32 -59.04 -33.84
C PRO B 77 5.50 -58.14 -32.92
N ALA B 78 4.38 -57.66 -33.43
CA ALA B 78 3.47 -56.80 -32.67
C ALA B 78 2.64 -57.60 -31.64
N SER B 79 3.32 -58.10 -30.61
CA SER B 79 2.71 -59.01 -29.64
C SER B 79 3.50 -58.97 -28.33
N GLY B 80 2.94 -59.55 -27.27
CA GLY B 80 3.60 -59.62 -25.97
C GLY B 80 4.03 -58.27 -25.41
N ALA B 81 5.30 -58.20 -25.01
CA ALA B 81 5.88 -56.99 -24.41
C ALA B 81 6.75 -56.22 -25.41
N ASN B 82 6.50 -56.44 -26.70
CA ASN B 82 7.27 -55.76 -27.73
C ASN B 82 6.84 -54.31 -27.92
N PRO B 83 7.80 -53.46 -28.33
CA PRO B 83 7.50 -52.05 -28.59
C PRO B 83 6.84 -51.90 -29.94
N ALA B 84 6.13 -50.79 -30.13
CA ALA B 84 5.48 -50.50 -31.42
C ALA B 84 6.46 -50.12 -32.53
N GLN B 85 7.63 -49.60 -32.14
CA GLN B 85 8.66 -49.14 -33.09
C GLN B 85 10.02 -49.59 -32.64
N SER B 86 10.92 -49.76 -33.60
CA SER B 86 12.31 -50.06 -33.34
C SER B 86 13.00 -48.82 -32.78
N MSE B 87 14.06 -49.01 -31.99
CA MSE B 87 14.81 -47.87 -31.44
C MSE B 87 16.28 -47.98 -31.77
O MSE B 87 16.77 -49.08 -32.09
CB MSE B 87 14.61 -47.76 -29.93
CG MSE B 87 13.16 -47.43 -29.58
SE MSE B 87 13.03 -46.75 -27.79
CE MSE B 87 13.67 -44.92 -28.16
N SER B 88 16.97 -46.84 -31.72
CA SER B 88 18.40 -46.85 -31.90
C SER B 88 19.08 -45.87 -30.96
N ILE B 89 20.34 -46.19 -30.67
CA ILE B 89 21.27 -45.27 -30.05
C ILE B 89 22.26 -44.93 -31.17
N ARG B 90 22.43 -43.65 -31.50
CA ARG B 90 23.39 -43.26 -32.56
C ARG B 90 24.33 -42.20 -32.03
N VAL B 91 25.62 -42.32 -32.37
CA VAL B 91 26.65 -41.34 -31.98
C VAL B 91 27.20 -40.67 -33.24
N TRP B 92 26.92 -39.39 -33.38
CA TRP B 92 27.17 -38.69 -34.63
C TRP B 92 27.54 -37.22 -34.37
N GLY B 93 27.82 -36.47 -35.45
CA GLY B 93 27.99 -35.03 -35.33
C GLY B 93 27.88 -34.37 -36.71
N ASN B 94 27.99 -33.06 -36.76
CA ASN B 94 28.01 -32.35 -38.04
C ASN B 94 29.16 -31.34 -38.15
N GLN B 95 30.14 -31.44 -37.26
CA GLN B 95 31.20 -30.45 -37.25
C GLN B 95 32.00 -30.50 -38.56
N PHE B 96 32.08 -31.69 -39.16
CA PHE B 96 32.94 -31.94 -40.32
C PHE B 96 32.17 -32.11 -41.62
N GLY B 97 30.85 -31.91 -41.58
CA GLY B 97 30.00 -32.16 -42.74
C GLY B 97 29.85 -31.01 -43.74
N GLY B 98 30.43 -29.85 -43.43
CA GLY B 98 30.38 -28.68 -44.32
C GLY B 98 28.97 -28.17 -44.63
N GLY B 99 28.12 -28.12 -43.61
CA GLY B 99 26.76 -27.65 -43.82
C GLY B 99 26.63 -26.26 -43.23
N SER B 100 25.44 -25.69 -43.33
CA SER B 100 25.21 -24.42 -42.69
C SER B 100 25.33 -24.54 -41.15
N ASP B 101 25.10 -25.74 -40.61
CA ASP B 101 25.28 -25.98 -39.16
C ASP B 101 26.40 -26.97 -38.94
N THR B 102 27.46 -26.52 -38.30
CA THR B 102 28.56 -27.40 -37.94
C THR B 102 28.79 -27.35 -36.43
N THR B 103 27.77 -26.98 -35.66
CA THR B 103 27.95 -26.79 -34.20
C THR B 103 27.59 -28.01 -33.33
N ARG B 104 27.05 -29.06 -33.95
CA ARG B 104 26.67 -30.28 -33.21
C ARG B 104 27.84 -31.26 -33.21
N SER B 105 28.80 -31.01 -32.32
CA SER B 105 30.09 -31.71 -32.41
C SER B 105 30.01 -33.19 -32.09
N THR B 106 29.37 -33.54 -30.98
CA THR B 106 29.33 -34.94 -30.56
C THR B 106 27.93 -35.17 -29.97
N VAL B 107 27.14 -36.01 -30.62
CA VAL B 107 25.73 -36.20 -30.23
C VAL B 107 25.49 -37.67 -29.87
N PHE B 108 24.86 -37.92 -28.73
CA PHE B 108 24.40 -39.26 -28.32
C PHE B 108 22.86 -39.22 -28.43
N GLU B 109 22.29 -39.83 -29.46
CA GLU B 109 20.88 -39.65 -29.76
C GLU B 109 20.13 -40.97 -29.66
N VAL B 110 19.03 -40.94 -28.91
CA VAL B 110 18.19 -42.12 -28.71
C VAL B 110 16.79 -41.82 -29.26
N GLY B 111 16.28 -42.67 -30.14
CA GLY B 111 14.95 -42.43 -30.66
C GLY B 111 14.40 -43.62 -31.40
N ASP B 112 13.23 -43.41 -32.00
CA ASP B 112 12.54 -44.48 -32.68
C ASP B 112 12.39 -44.10 -34.14
N ASP B 113 11.54 -44.82 -34.84
CA ASP B 113 11.36 -44.65 -36.27
C ASP B 113 10.79 -43.27 -36.62
N THR B 114 10.07 -42.64 -35.68
CA THR B 114 9.39 -41.37 -35.93
C THR B 114 10.27 -40.11 -35.69
N SER B 115 11.00 -40.11 -34.57
CA SER B 115 11.85 -38.97 -34.17
C SER B 115 12.68 -39.37 -32.96
N HIS B 116 13.66 -38.54 -32.60
CA HIS B 116 14.38 -38.77 -31.37
C HIS B 116 13.45 -38.66 -30.18
N HIS B 117 13.80 -39.36 -29.11
CA HIS B 117 13.16 -39.16 -27.81
C HIS B 117 13.99 -38.16 -27.04
N PHE B 118 15.31 -38.35 -27.08
CA PHE B 118 16.23 -37.48 -26.39
C PHE B 118 17.61 -37.55 -27.01
N TYR B 119 18.44 -36.54 -26.72
CA TYR B 119 19.86 -36.65 -27.05
C TYR B 119 20.68 -35.85 -26.06
N SER B 120 21.94 -36.26 -25.84
CA SER B 120 22.87 -35.34 -25.23
C SER B 120 23.84 -34.94 -26.33
N GLN B 121 24.40 -33.76 -26.19
CA GLN B 121 25.25 -33.20 -27.23
C GLN B 121 26.32 -32.34 -26.56
N ARG B 122 27.56 -32.46 -27.02
CA ARG B 122 28.54 -31.41 -26.75
C ARG B 122 28.55 -30.51 -27.96
N ASN B 123 28.21 -29.25 -27.74
CA ASN B 123 28.23 -28.24 -28.81
C ASN B 123 29.67 -27.98 -29.24
N LYS B 124 29.81 -27.35 -30.40
CA LYS B 124 31.11 -26.85 -30.78
C LYS B 124 31.73 -25.90 -29.74
N ASP B 125 30.92 -25.08 -29.06
CA ASP B 125 31.45 -24.23 -27.97
C ASP B 125 31.89 -24.98 -26.70
N GLY B 126 31.75 -26.31 -26.69
CA GLY B 126 32.26 -27.14 -25.58
C GLY B 126 31.22 -27.38 -24.49
N ASN B 127 30.10 -26.67 -24.54
CA ASN B 127 29.04 -26.88 -23.55
C ASN B 127 28.12 -28.05 -23.91
N ILE B 128 27.53 -28.66 -22.88
CA ILE B 128 26.67 -29.85 -23.05
C ILE B 128 25.20 -29.47 -22.94
N ALA B 129 24.38 -30.03 -23.82
CA ALA B 129 22.92 -29.92 -23.70
C ALA B 129 22.33 -31.33 -23.66
N PHE B 130 21.21 -31.50 -22.93
CA PHE B 130 20.46 -32.74 -22.92
C PHE B 130 19.03 -32.39 -23.37
N ASN B 131 18.69 -32.75 -24.60
CA ASN B 131 17.43 -32.34 -25.17
C ASN B 131 16.43 -33.46 -25.01
N ILE B 132 15.23 -33.14 -24.54
CA ILE B 132 14.14 -34.10 -24.37
C ILE B 132 12.98 -33.64 -25.26
N ASN B 133 12.59 -34.49 -26.19
CA ASN B 133 11.60 -34.16 -27.20
C ASN B 133 10.15 -34.33 -26.65
N GLY B 134 9.87 -33.74 -25.48
CA GLY B 134 8.56 -33.91 -24.83
C GLY B 134 8.68 -33.47 -23.38
N THR B 135 7.96 -34.16 -22.50
CA THR B 135 7.87 -33.77 -21.10
C THR B 135 8.85 -34.53 -20.23
N VAL B 136 9.64 -33.81 -19.44
CA VAL B 136 10.47 -34.44 -18.45
C VAL B 136 9.69 -34.55 -17.14
N MSE B 137 9.75 -35.72 -16.53
CA MSE B 137 8.99 -36.00 -15.33
C MSE B 137 9.89 -36.58 -14.23
O MSE B 137 10.01 -37.81 -14.09
CB MSE B 137 7.83 -36.97 -15.64
CB MSE B 137 7.81 -36.93 -15.65
CG MSE B 137 6.87 -36.47 -16.71
CG MSE B 137 6.94 -36.37 -16.77
SE MSE B 137 5.57 -37.86 -17.24
SE MSE B 137 5.41 -37.48 -17.22
CE MSE B 137 4.75 -36.99 -18.78
CE MSE B 137 4.58 -37.53 -15.45
N PRO B 138 10.57 -35.69 -13.50
CA PRO B 138 11.38 -36.14 -12.38
C PRO B 138 10.52 -36.13 -11.12
N ILE B 139 11.07 -36.62 -10.03
CA ILE B 139 10.48 -36.34 -8.72
C ILE B 139 10.98 -34.95 -8.32
N ASN B 140 12.22 -34.85 -7.80
CA ASN B 140 12.79 -33.56 -7.44
C ASN B 140 13.66 -32.98 -8.57
N ILE B 141 13.81 -31.66 -8.56
CA ILE B 141 14.75 -30.96 -9.46
C ILE B 141 15.75 -30.22 -8.60
N ASN B 142 17.02 -30.33 -8.93
CA ASN B 142 18.03 -29.53 -8.25
C ASN B 142 19.03 -29.00 -9.25
N ALA B 143 18.82 -27.75 -9.70
CA ALA B 143 19.67 -27.15 -10.73
C ALA B 143 20.70 -26.22 -10.12
N SER B 144 21.96 -26.38 -10.53
CA SER B 144 23.03 -25.57 -9.96
C SER B 144 23.18 -24.23 -10.68
N GLY B 145 22.58 -24.12 -11.87
CA GLY B 145 22.66 -22.91 -12.70
C GLY B 145 21.33 -22.20 -12.88
N LEU B 146 21.10 -21.73 -14.11
CA LEU B 146 19.98 -20.88 -14.50
C LEU B 146 18.75 -21.67 -14.88
N MSE B 147 17.58 -21.06 -14.76
CA MSE B 147 16.38 -21.65 -15.30
C MSE B 147 15.67 -20.67 -16.21
O MSE B 147 15.50 -19.50 -15.87
CB MSE B 147 15.40 -22.05 -14.20
CB MSE B 147 15.44 -22.07 -14.16
CG MSE B 147 14.02 -22.32 -14.74
CG MSE B 147 14.43 -23.15 -14.55
SE MSE B 147 12.66 -22.24 -13.37
SE MSE B 147 12.79 -22.82 -13.59
CE MSE B 147 12.75 -24.14 -12.96
CE MSE B 147 12.54 -21.05 -14.38
N ASN B 148 15.24 -21.17 -17.36
CA ASN B 148 14.31 -20.46 -18.20
C ASN B 148 13.16 -21.40 -18.56
N VAL B 149 11.94 -20.87 -18.49
CA VAL B 149 10.75 -21.61 -18.89
C VAL B 149 9.94 -20.64 -19.75
N ASN B 150 9.72 -20.99 -21.03
CA ASN B 150 8.94 -20.12 -21.91
C ASN B 150 7.42 -20.10 -21.68
N GLY B 151 6.85 -21.23 -21.24
CA GLY B 151 5.40 -21.32 -21.09
C GLY B 151 4.93 -21.04 -19.67
N THR B 152 3.64 -21.22 -19.44
CA THR B 152 3.02 -20.99 -18.14
CA THR B 152 3.06 -20.95 -18.12
C THR B 152 3.66 -21.90 -17.08
N ALA B 153 3.82 -21.37 -15.85
CA ALA B 153 4.36 -22.14 -14.74
C ALA B 153 3.35 -22.23 -13.62
N THR B 154 3.26 -23.41 -13.00
CA THR B 154 2.38 -23.61 -11.85
C THR B 154 3.17 -24.34 -10.78
N PHE B 155 2.97 -23.90 -9.53
CA PHE B 155 3.64 -24.48 -8.38
C PHE B 155 2.57 -24.90 -7.36
N GLY B 156 2.71 -26.08 -6.77
CA GLY B 156 1.69 -26.56 -5.84
C GLY B 156 1.82 -26.06 -4.40
N ARG B 157 2.97 -25.53 -4.04
CA ARG B 157 3.20 -25.04 -2.66
C ARG B 157 3.82 -23.65 -2.66
N SER B 158 4.71 -23.36 -1.70
CA SER B 158 5.32 -22.04 -1.62
C SER B 158 6.46 -21.91 -2.62
N VAL B 159 6.84 -20.66 -2.91
CA VAL B 159 7.95 -20.32 -3.79
C VAL B 159 8.79 -19.29 -3.05
N THR B 160 10.02 -19.65 -2.70
CA THR B 160 10.95 -18.76 -1.97
C THR B 160 12.13 -18.41 -2.87
N ALA B 161 12.45 -17.12 -2.99
CA ALA B 161 13.65 -16.66 -3.71
C ALA B 161 14.52 -15.87 -2.76
N ASN B 162 15.83 -16.05 -2.89
CA ASN B 162 16.76 -15.21 -2.14
C ASN B 162 16.92 -13.85 -2.80
N GLY B 163 16.58 -13.78 -4.08
CA GLY B 163 16.55 -12.52 -4.81
C GLY B 163 15.14 -11.94 -4.96
N GLU B 164 15.03 -10.94 -5.82
CA GLU B 164 13.80 -10.18 -6.05
C GLU B 164 12.88 -10.92 -7.02
N PHE B 165 11.56 -10.78 -6.83
CA PHE B 165 10.58 -11.22 -7.84
C PHE B 165 10.28 -10.00 -8.71
N ILE B 166 10.38 -10.16 -10.03
CA ILE B 166 10.19 -9.07 -10.96
C ILE B 166 9.17 -9.46 -12.02
N SER B 167 8.11 -8.66 -12.18
CA SER B 167 7.15 -8.88 -13.28
C SER B 167 7.24 -7.76 -14.32
N LYS B 168 7.16 -8.14 -15.60
CA LYS B 168 7.10 -7.18 -16.71
C LYS B 168 5.66 -7.02 -17.19
N SER B 169 4.74 -7.69 -16.52
CA SER B 169 3.33 -7.60 -16.88
C SER B 169 2.69 -6.41 -16.13
N ALA B 170 1.83 -5.65 -16.83
CA ALA B 170 1.10 -4.53 -16.22
C ALA B 170 0.40 -5.02 -14.95
N ASN B 171 -0.42 -6.07 -15.04
CA ASN B 171 -0.90 -6.75 -13.83
C ASN B 171 0.22 -7.67 -13.34
N ALA B 172 0.85 -7.32 -12.23
CA ALA B 172 2.13 -7.88 -11.86
C ALA B 172 2.04 -8.93 -10.74
N PHE B 173 1.25 -8.62 -9.71
CA PHE B 173 1.16 -9.50 -8.51
C PHE B 173 -0.29 -9.59 -8.09
N ARG B 174 -0.81 -10.81 -7.95
CA ARG B 174 -2.23 -11.05 -7.66
C ARG B 174 -2.42 -12.04 -6.53
N ALA B 175 -3.25 -11.67 -5.55
CA ALA B 175 -3.58 -12.56 -4.44
C ALA B 175 -5.06 -12.94 -4.54
N ILE B 176 -5.33 -14.23 -4.76
CA ILE B 176 -6.69 -14.72 -4.96
C ILE B 176 -7.14 -15.49 -3.72
N ASN B 177 -8.31 -15.13 -3.19
CA ASN B 177 -8.90 -15.91 -2.11
C ASN B 177 -10.40 -15.66 -2.07
N GLY B 178 -11.19 -16.72 -1.85
CA GLY B 178 -12.65 -16.57 -1.86
C GLY B 178 -13.13 -15.97 -3.16
N ASP B 179 -14.03 -15.00 -3.09
CA ASP B 179 -14.63 -14.38 -4.28
C ASP B 179 -13.77 -13.39 -5.05
N TYR B 180 -12.62 -12.99 -4.48
CA TYR B 180 -11.90 -11.83 -5.06
C TYR B 180 -10.43 -12.05 -5.37
N GLY B 181 -10.00 -11.39 -6.42
CA GLY B 181 -8.58 -11.20 -6.69
C GLY B 181 -8.19 -9.78 -6.30
N PHE B 182 -7.09 -9.66 -5.57
CA PHE B 182 -6.49 -8.37 -5.33
C PHE B 182 -5.20 -8.31 -6.14
N PHE B 183 -4.92 -7.19 -6.82
CA PHE B 183 -3.67 -7.14 -7.56
C PHE B 183 -3.03 -5.78 -7.68
N ILE B 184 -1.74 -5.80 -7.93
CA ILE B 184 -0.94 -4.61 -8.17
C ILE B 184 -0.72 -4.50 -9.65
N ARG B 185 -1.07 -3.34 -10.20
CA ARG B 185 -0.95 -3.07 -11.61
C ARG B 185 -0.14 -1.81 -11.81
N ASN B 186 0.99 -1.93 -12.50
CA ASN B 186 1.75 -0.76 -12.95
C ASN B 186 1.39 -0.56 -14.42
N ASP B 187 0.64 0.49 -14.72
CA ASP B 187 0.23 0.70 -16.11
C ASP B 187 1.16 1.66 -16.87
N ALA B 188 2.36 1.88 -16.33
CA ALA B 188 3.37 2.80 -16.88
C ALA B 188 3.21 4.26 -16.44
N SER B 189 1.99 4.67 -16.12
CA SER B 189 1.77 6.05 -15.62
C SER B 189 1.56 6.09 -14.12
N ASN B 190 0.72 5.17 -13.64
CA ASN B 190 0.41 5.00 -12.23
C ASN B 190 0.51 3.54 -11.85
N THR B 191 0.78 3.30 -10.57
CA THR B 191 0.70 1.95 -10.01
C THR B 191 -0.55 1.89 -9.13
N TYR B 192 -1.37 0.87 -9.33
CA TYR B 192 -2.67 0.80 -8.70
C TYR B 192 -2.73 -0.44 -7.85
N PHE B 193 -3.49 -0.37 -6.76
CA PHE B 193 -3.91 -1.54 -6.00
C PHE B 193 -5.37 -1.77 -6.36
N LEU B 194 -5.67 -2.90 -6.99
CA LEU B 194 -6.99 -3.11 -7.60
C LEU B 194 -7.69 -4.37 -7.17
N LEU B 195 -8.99 -4.45 -7.48
CA LEU B 195 -9.82 -5.59 -7.13
C LEU B 195 -10.66 -6.03 -8.33
N THR B 196 -10.93 -7.33 -8.39
CA THR B 196 -11.82 -7.92 -9.39
C THR B 196 -13.26 -7.87 -8.88
N ALA B 197 -14.22 -8.01 -9.81
CA ALA B 197 -15.59 -8.35 -9.43
C ALA B 197 -15.59 -9.69 -8.69
N ALA B 198 -16.59 -9.91 -7.83
CA ALA B 198 -16.76 -11.18 -7.13
C ALA B 198 -16.92 -12.30 -8.17
N GLY B 199 -16.19 -13.39 -7.99
CA GLY B 199 -16.26 -14.51 -8.92
C GLY B 199 -15.53 -14.28 -10.24
N ASP B 200 -14.79 -13.18 -10.35
CA ASP B 200 -13.93 -12.94 -11.53
C ASP B 200 -12.46 -12.83 -11.15
N GLN B 201 -12.00 -13.77 -10.31
CA GLN B 201 -10.74 -13.64 -9.56
C GLN B 201 -9.47 -13.50 -10.39
N THR B 202 -9.47 -14.06 -11.60
CA THR B 202 -8.29 -14.02 -12.46
C THR B 202 -8.46 -12.96 -13.52
N GLY B 203 -9.57 -12.23 -13.48
CA GLY B 203 -9.88 -11.25 -14.53
C GLY B 203 -9.45 -9.80 -14.30
N GLY B 204 -10.14 -8.89 -15.00
CA GLY B 204 -9.79 -7.48 -14.98
C GLY B 204 -10.19 -6.76 -13.70
N PHE B 205 -9.76 -5.50 -13.56
CA PHE B 205 -10.22 -4.68 -12.43
C PHE B 205 -11.67 -4.23 -12.62
N ASN B 206 -12.41 -4.13 -11.51
CA ASN B 206 -13.72 -3.49 -11.54
C ASN B 206 -13.56 -1.96 -11.51
N GLY B 207 -14.61 -1.25 -11.12
CA GLY B 207 -14.59 0.22 -11.07
C GLY B 207 -13.91 0.81 -9.83
N LEU B 208 -13.63 -0.01 -8.81
CA LEU B 208 -13.03 0.49 -7.56
C LEU B 208 -11.60 0.99 -7.75
N ARG B 209 -11.24 2.08 -7.07
CA ARG B 209 -9.86 2.56 -7.13
C ARG B 209 -9.34 2.77 -5.72
N PRO B 210 -9.08 1.67 -4.97
CA PRO B 210 -8.67 1.78 -3.58
C PRO B 210 -7.44 2.66 -3.39
N LEU B 211 -6.38 2.41 -4.14
CA LEU B 211 -5.17 3.20 -3.98
C LEU B 211 -4.38 3.23 -5.28
N LEU B 212 -3.81 4.39 -5.59
CA LEU B 212 -2.87 4.47 -6.70
C LEU B 212 -1.73 5.39 -6.35
N ILE B 213 -0.60 5.15 -7.00
CA ILE B 213 0.59 5.94 -6.79
C ILE B 213 1.00 6.48 -8.15
N ASN B 214 1.18 7.79 -8.26
CA ASN B 214 1.68 8.36 -9.49
C ASN B 214 3.16 8.00 -9.70
N ASN B 215 3.51 7.39 -10.84
CA ASN B 215 4.89 6.91 -11.06
C ASN B 215 5.92 8.03 -11.16
N GLN B 216 5.46 9.21 -11.60
CA GLN B 216 6.35 10.37 -11.75
C GLN B 216 6.57 11.18 -10.45
N SER B 217 5.48 11.44 -9.74
CA SER B 217 5.53 12.31 -8.56
C SER B 217 5.51 11.58 -7.22
N GLY B 218 5.06 10.32 -7.22
CA GLY B 218 4.90 9.53 -5.98
C GLY B 218 3.65 9.90 -5.17
N GLN B 219 2.84 10.83 -5.70
CA GLN B 219 1.63 11.23 -5.00
C GLN B 219 0.60 10.12 -4.97
N ILE B 220 -0.01 9.93 -3.81
CA ILE B 220 -0.96 8.84 -3.62
C ILE B 220 -2.40 9.35 -3.66
N THR B 221 -3.28 8.61 -4.35
CA THR B 221 -4.71 8.88 -4.30
C THR B 221 -5.44 7.66 -3.78
N ILE B 222 -6.22 7.88 -2.73
CA ILE B 222 -7.08 6.86 -2.17
C ILE B 222 -8.52 7.16 -2.63
N GLY B 223 -9.14 6.19 -3.31
CA GLY B 223 -10.31 6.54 -4.09
C GLY B 223 -11.65 6.12 -3.50
N GLU B 224 -11.65 5.25 -2.48
CA GLU B 224 -12.93 4.72 -1.95
C GLU B 224 -13.11 5.00 -0.46
N GLY B 225 -12.51 6.08 0.00
CA GLY B 225 -12.67 6.41 1.42
C GLY B 225 -11.53 5.86 2.27
N LEU B 226 -11.31 6.50 3.41
CA LEU B 226 -10.18 6.18 4.24
C LEU B 226 -10.59 6.33 5.71
N ILE B 227 -10.34 5.29 6.49
CA ILE B 227 -10.47 5.34 7.95
C ILE B 227 -9.05 5.24 8.54
N ILE B 228 -8.76 6.05 9.57
CA ILE B 228 -7.45 6.00 10.24
C ILE B 228 -7.67 5.88 11.76
N ALA B 229 -6.94 4.96 12.38
CA ALA B 229 -6.93 4.86 13.83
C ALA B 229 -5.55 5.29 14.33
N LYS B 230 -5.52 5.80 15.55
CA LYS B 230 -4.28 6.16 16.26
C LYS B 230 -3.59 7.40 15.68
N GLY B 231 -4.37 8.33 15.15
CA GLY B 231 -3.84 9.68 14.92
C GLY B 231 -3.30 9.92 13.54
N VAL B 232 -3.46 11.16 13.09
CA VAL B 232 -2.85 11.61 11.83
C VAL B 232 -2.06 12.88 12.09
N THR B 233 -0.89 12.98 11.47
CA THR B 233 -0.14 14.23 11.44
C THR B 233 0.21 14.59 10.01
N ILE B 234 -0.12 15.82 9.62
CA ILE B 234 0.35 16.34 8.36
C ILE B 234 1.55 17.23 8.68
N ASN B 235 2.74 16.77 8.27
CA ASN B 235 4.04 17.43 8.54
C ASN B 235 4.21 18.71 7.78
N SER B 236 3.60 18.80 6.60
CA SER B 236 3.76 19.98 5.73
C SER B 236 2.69 19.98 4.64
N GLY B 237 2.46 21.15 4.05
CA GLY B 237 1.60 21.24 2.87
C GLY B 237 0.15 21.56 3.21
N GLY B 238 -0.22 21.47 4.48
CA GLY B 238 -1.60 21.76 4.91
C GLY B 238 -2.65 20.75 4.47
N LEU B 239 -3.91 21.14 4.63
CA LEU B 239 -5.04 20.26 4.39
C LEU B 239 -6.16 21.06 3.71
N THR B 240 -6.74 20.49 2.64
CA THR B 240 -7.96 21.05 2.03
C THR B 240 -9.03 19.99 2.09
N VAL B 241 -10.22 20.38 2.52
CA VAL B 241 -11.33 19.44 2.69
C VAL B 241 -12.58 19.92 1.94
N ASN B 242 -13.10 19.07 1.07
CA ASN B 242 -14.45 19.24 0.51
C ASN B 242 -15.36 18.20 1.18
N SER B 243 -16.35 18.61 1.99
CA SER B 243 -16.80 20.00 2.12
C SER B 243 -17.23 20.37 3.56
N ARG B 244 -16.81 19.57 4.54
CA ARG B 244 -17.10 19.86 5.95
C ARG B 244 -16.13 19.05 6.82
N ILE B 245 -15.94 19.50 8.06
CA ILE B 245 -15.10 18.78 9.02
C ILE B 245 -15.90 18.67 10.31
N ARG B 246 -16.13 17.44 10.75
CA ARG B 246 -16.73 17.19 12.07
C ARG B 246 -15.60 16.87 13.06
N SER B 247 -15.14 17.88 13.80
CA SER B 247 -14.16 17.61 14.84
C SER B 247 -14.93 17.38 16.13
N GLN B 248 -15.04 16.10 16.53
CA GLN B 248 -15.94 15.65 17.60
C GLN B 248 -15.14 15.54 18.91
N GLY B 249 -15.33 16.48 19.82
CA GLY B 249 -14.56 16.50 21.07
C GLY B 249 -15.01 15.34 21.93
N THR B 250 -14.18 14.98 22.91
CA THR B 250 -14.53 13.92 23.88
CA THR B 250 -14.55 13.93 23.86
C THR B 250 -15.41 14.49 24.97
N LYS B 251 -16.66 14.03 25.03
CA LYS B 251 -17.62 14.57 25.99
C LYS B 251 -17.50 13.82 27.32
N THR B 252 -17.26 14.55 28.39
CA THR B 252 -17.15 13.97 29.74
C THR B 252 -18.10 14.73 30.64
N SER B 253 -18.36 14.20 31.83
CA SER B 253 -19.32 14.79 32.74
C SER B 253 -18.75 16.07 33.37
N ASP B 254 -17.43 16.21 33.34
CA ASP B 254 -16.73 17.32 34.01
C ASP B 254 -16.28 18.44 33.05
N LEU B 255 -16.87 18.51 31.85
CA LEU B 255 -16.49 19.57 30.87
C LEU B 255 -16.44 20.99 31.44
N TYR B 256 -17.35 21.33 32.37
CA TYR B 256 -17.35 22.67 32.94
C TYR B 256 -16.04 23.02 33.65
N THR B 257 -15.45 22.03 34.35
CA THR B 257 -14.27 22.27 35.18
C THR B 257 -13.02 21.60 34.62
N ARG B 258 -13.14 20.81 33.56
CA ARG B 258 -12.01 19.96 33.15
C ARG B 258 -10.78 20.74 32.67
N ALA B 259 -9.63 20.55 33.32
CA ALA B 259 -8.37 21.14 32.82
C ALA B 259 -7.97 20.45 31.50
N PRO B 260 -7.46 21.22 30.53
CA PRO B 260 -7.03 20.61 29.28
C PRO B 260 -5.79 19.73 29.50
N THR B 261 -5.59 18.77 28.61
CA THR B 261 -4.38 17.94 28.63
C THR B 261 -3.80 17.98 27.23
N SER B 262 -2.60 17.47 27.05
CA SER B 262 -1.99 17.40 25.73
C SER B 262 -2.88 16.67 24.71
N ASP B 263 -3.71 15.74 25.18
CA ASP B 263 -4.63 15.01 24.32
C ASP B 263 -5.92 15.77 23.93
N THR B 264 -6.32 16.75 24.74
CA THR B 264 -7.59 17.42 24.47
C THR B 264 -7.45 18.88 23.99
N VAL B 265 -6.22 19.42 23.95
CA VAL B 265 -6.00 20.73 23.31
C VAL B 265 -6.30 20.64 21.81
N GLY B 266 -6.61 21.77 21.18
CA GLY B 266 -6.96 21.79 19.78
C GLY B 266 -8.42 22.22 19.58
N PHE B 267 -8.83 22.19 18.32
CA PHE B 267 -10.17 22.56 17.88
C PHE B 267 -11.10 21.35 17.89
N TRP B 268 -12.28 21.55 18.47
CA TRP B 268 -13.39 20.57 18.40
C TRP B 268 -14.64 21.24 18.86
N SER B 269 -15.78 20.59 18.62
CA SER B 269 -17.06 20.99 19.16
C SER B 269 -17.72 19.78 19.81
N ILE B 270 -18.51 20.07 20.84
CA ILE B 270 -19.27 19.08 21.56
C ILE B 270 -20.71 19.56 21.75
N ASP B 271 -21.66 18.69 21.44
CA ASP B 271 -23.08 18.98 21.67
C ASP B 271 -23.36 18.60 23.13
N ILE B 272 -23.45 19.59 24.01
CA ILE B 272 -23.79 19.32 25.42
C ILE B 272 -25.30 19.31 25.57
N ASN B 273 -25.87 18.11 25.49
CA ASN B 273 -27.31 17.92 25.37
C ASN B 273 -27.99 17.32 26.61
N ASP B 274 -27.19 17.00 27.63
CA ASP B 274 -27.71 16.40 28.88
C ASP B 274 -27.77 17.46 29.97
N SER B 275 -28.92 17.53 30.65
CA SER B 275 -29.13 18.61 31.61
C SER B 275 -28.15 18.53 32.81
N ALA B 276 -27.69 17.34 33.19
CA ALA B 276 -26.75 17.25 34.31
C ALA B 276 -25.48 18.06 33.98
N THR B 277 -25.07 18.05 32.71
CA THR B 277 -23.92 18.86 32.28
C THR B 277 -24.30 20.31 31.96
N TYR B 278 -25.28 20.52 31.07
CA TYR B 278 -25.59 21.89 30.68
C TYR B 278 -26.16 22.79 31.79
N ASN B 279 -26.77 22.19 32.82
CA ASN B 279 -27.21 23.00 33.95
C ASN B 279 -26.01 23.64 34.67
N GLN B 280 -24.80 23.13 34.47
CA GLN B 280 -23.60 23.73 35.08
C GLN B 280 -23.09 24.93 34.26
N PHE B 281 -23.50 24.99 32.99
CA PHE B 281 -23.04 26.00 32.02
C PHE B 281 -23.99 27.19 32.02
N PRO B 282 -23.56 28.32 31.44
CA PRO B 282 -24.51 29.45 31.36
C PRO B 282 -25.73 29.13 30.50
N GLY B 283 -26.85 29.78 30.82
CA GLY B 283 -28.10 29.60 30.09
C GLY B 283 -28.26 30.66 29.03
N TYR B 284 -29.44 30.73 28.39
CA TYR B 284 -29.77 31.90 27.61
C TYR B 284 -30.54 32.83 28.52
N PHE B 285 -30.78 34.08 28.08
CA PHE B 285 -31.64 34.96 28.82
C PHE B 285 -32.98 35.16 28.12
N LYS B 286 -34.05 35.05 28.88
CA LYS B 286 -35.32 35.62 28.45
C LYS B 286 -35.09 37.11 28.18
N MSE B 287 -35.71 37.64 27.12
CA MSE B 287 -35.66 39.09 26.81
C MSE B 287 -37.12 39.61 26.77
O MSE B 287 -38.03 38.94 26.22
CB MSE B 287 -34.87 39.36 25.53
CB MSE B 287 -35.19 39.34 25.37
CG MSE B 287 -33.42 38.85 25.61
CG MSE B 287 -33.70 39.54 25.03
SE MSE B 287 -32.17 40.03 26.56
SE MSE B 287 -32.43 40.50 26.18
CE MSE B 287 -31.69 41.18 25.12
CE MSE B 287 -31.98 38.77 26.96
N VAL B 288 -37.35 40.78 27.36
CA VAL B 288 -38.63 41.44 27.20
C VAL B 288 -38.42 42.62 26.23
N GLU B 289 -39.28 42.72 25.21
CA GLU B 289 -39.16 43.82 24.29
C GLU B 289 -39.91 45.01 24.86
N LYS B 290 -39.20 46.08 25.14
CA LYS B 290 -39.77 47.31 25.62
C LYS B 290 -39.83 48.30 24.46
N THR B 291 -40.60 49.37 24.62
CA THR B 291 -40.68 50.41 23.60
C THR B 291 -40.27 51.73 24.21
N ASN B 292 -39.34 52.42 23.56
CA ASN B 292 -39.00 53.78 23.95
C ASN B 292 -40.23 54.69 23.76
N GLU B 293 -40.66 55.36 24.83
CA GLU B 293 -41.91 56.14 24.81
C GLU B 293 -41.84 57.25 23.76
N VAL B 294 -40.71 57.95 23.72
CA VAL B 294 -40.51 59.12 22.86
C VAL B 294 -40.38 58.76 21.37
N THR B 295 -39.54 57.76 21.06
CA THR B 295 -39.18 57.45 19.68
C THR B 295 -39.93 56.25 19.11
N GLY B 296 -40.59 55.50 19.99
CA GLY B 296 -41.23 54.23 19.59
C GLY B 296 -40.29 53.06 19.26
N LEU B 297 -38.97 53.27 19.21
CA LEU B 297 -38.07 52.15 18.90
C LEU B 297 -37.99 51.14 20.04
N PRO B 298 -38.04 49.83 19.70
CA PRO B 298 -37.94 48.76 20.71
C PRO B 298 -36.52 48.61 21.24
N TYR B 299 -36.42 48.08 22.45
CA TYR B 299 -35.14 47.64 23.01
C TYR B 299 -35.43 46.41 23.85
N LEU B 300 -34.44 45.54 24.03
CA LEU B 300 -34.62 44.31 24.77
C LEU B 300 -34.10 44.47 26.18
N GLU B 301 -34.95 44.09 27.14
CA GLU B 301 -34.57 44.15 28.52
C GLU B 301 -34.32 42.71 28.98
N ARG B 302 -33.16 42.46 29.59
CA ARG B 302 -32.75 41.09 29.95
C ARG B 302 -33.60 40.54 31.10
N GLY B 303 -34.13 39.34 30.95
CA GLY B 303 -34.90 38.73 32.02
C GLY B 303 -34.11 37.58 32.67
N GLU B 304 -34.85 36.55 33.06
CA GLU B 304 -34.33 35.40 33.78
C GLU B 304 -33.38 34.56 32.91
N GLU B 305 -32.31 34.04 33.51
CA GLU B 305 -31.45 33.07 32.83
C GLU B 305 -32.12 31.70 32.85
N VAL B 306 -32.11 31.01 31.71
CA VAL B 306 -32.72 29.69 31.58
C VAL B 306 -31.66 28.74 31.04
N LYS B 307 -31.36 27.68 31.79
CA LYS B 307 -30.38 26.66 31.38
C LYS B 307 -30.85 25.95 30.12
N SER B 308 -29.88 25.54 29.29
CA SER B 308 -30.18 25.11 27.94
C SER B 308 -29.06 24.22 27.42
N PRO B 309 -29.40 23.26 26.54
CA PRO B 309 -28.31 22.56 25.86
C PRO B 309 -27.58 23.58 24.94
N GLY B 310 -26.40 23.21 24.52
CA GLY B 310 -25.60 24.11 23.73
C GLY B 310 -24.42 23.42 23.12
N THR B 311 -23.70 24.17 22.29
CA THR B 311 -22.48 23.67 21.65
C THR B 311 -21.28 24.26 22.37
N LEU B 312 -20.37 23.41 22.82
CA LEU B 312 -19.10 23.90 23.35
C LEU B 312 -18.02 23.70 22.28
N THR B 313 -17.35 24.77 21.92
CA THR B 313 -16.33 24.73 20.85
C THR B 313 -15.03 25.26 21.42
N GLN B 314 -13.95 24.51 21.21
CA GLN B 314 -12.64 24.93 21.72
C GLN B 314 -11.74 25.27 20.55
N PHE B 315 -10.83 26.23 20.77
CA PHE B 315 -9.76 26.58 19.80
C PHE B 315 -8.46 26.70 20.54
N GLY B 316 -7.34 26.66 19.82
CA GLY B 316 -6.01 26.82 20.43
C GLY B 316 -5.32 25.47 20.50
N ASN B 317 -4.00 25.46 20.40
CA ASN B 317 -3.22 24.22 20.24
C ASN B 317 -2.31 23.84 21.39
N THR B 318 -2.21 24.69 22.41
CA THR B 318 -1.29 24.44 23.51
C THR B 318 -1.97 24.56 24.87
N LEU B 319 -1.26 24.14 25.91
CA LEU B 319 -1.77 24.26 27.26
C LEU B 319 -1.71 25.70 27.79
N ASP B 320 -1.05 26.60 27.05
CA ASP B 320 -1.12 28.05 27.34
C ASP B 320 -2.20 28.75 26.49
N SER B 321 -2.37 28.27 25.27
CA SER B 321 -3.08 28.99 24.22
C SER B 321 -4.34 28.20 23.87
N LEU B 322 -5.44 28.51 24.53
CA LEU B 322 -6.65 27.69 24.46
C LEU B 322 -7.85 28.51 24.97
N TYR B 323 -8.97 28.47 24.24
CA TYR B 323 -10.15 29.24 24.66
C TYR B 323 -11.38 28.51 24.15
N GLN B 324 -12.55 28.84 24.71
CA GLN B 324 -13.78 28.14 24.36
C GLN B 324 -14.95 29.10 24.12
N ASP B 325 -15.87 28.67 23.27
CA ASP B 325 -17.11 29.42 23.06
C ASP B 325 -18.24 28.47 23.42
N TRP B 326 -19.30 29.00 24.02
CA TRP B 326 -20.45 28.18 24.40
C TRP B 326 -21.68 28.85 23.77
N ILE B 327 -22.40 28.12 22.91
CA ILE B 327 -23.51 28.71 22.13
C ILE B 327 -24.75 27.90 22.45
N THR B 328 -25.68 28.48 23.21
CA THR B 328 -26.86 27.72 23.62
C THR B 328 -27.77 27.58 22.40
N TYR B 329 -28.52 26.49 22.34
CA TYR B 329 -29.52 26.35 21.30
C TYR B 329 -30.90 26.01 21.86
N PRO B 330 -31.95 26.55 21.21
CA PRO B 330 -33.31 26.50 21.74
C PRO B 330 -33.94 25.13 21.51
N THR B 331 -34.57 24.59 22.53
CA THR B 331 -35.29 23.31 22.41
C THR B 331 -36.76 23.46 22.85
N THR B 332 -37.16 24.68 23.20
CA THR B 332 -38.56 24.93 23.60
C THR B 332 -39.03 26.11 22.78
N PRO B 333 -40.37 26.27 22.64
CA PRO B 333 -40.88 27.26 21.68
C PRO B 333 -40.42 28.69 21.92
N GLU B 334 -40.19 29.09 23.16
CA GLU B 334 -39.82 30.49 23.47
C GLU B 334 -38.33 30.68 23.78
N ALA B 335 -37.55 29.62 23.67
CA ALA B 335 -36.13 29.69 23.99
C ALA B 335 -35.38 30.61 23.00
N ARG B 336 -34.38 31.31 23.51
CA ARG B 336 -33.53 32.18 22.70
C ARG B 336 -32.14 31.54 22.65
N THR B 337 -31.20 32.16 21.94
CA THR B 337 -29.81 31.68 21.88
C THR B 337 -28.89 32.79 22.43
N THR B 338 -27.88 32.40 23.21
CA THR B 338 -26.93 33.35 23.83
C THR B 338 -25.55 32.70 23.68
N ARG B 339 -24.51 33.50 23.40
CA ARG B 339 -23.13 32.99 23.32
C ARG B 339 -22.31 33.50 24.50
N TRP B 340 -21.37 32.67 24.92
CA TRP B 340 -20.54 32.91 26.11
C TRP B 340 -19.10 32.51 25.77
N THR B 341 -18.12 33.17 26.39
CA THR B 341 -16.74 32.88 26.08
C THR B 341 -15.91 32.70 27.34
N ARG B 342 -14.85 31.91 27.23
CA ARG B 342 -13.86 31.85 28.31
C ARG B 342 -12.51 31.42 27.73
N THR B 343 -11.47 31.57 28.55
CA THR B 343 -10.09 31.33 28.14
C THR B 343 -9.40 30.49 29.20
N TRP B 344 -8.56 29.55 28.80
CA TRP B 344 -7.80 28.74 29.75
C TRP B 344 -6.67 29.60 30.36
N GLN B 345 -6.51 29.54 31.69
CA GLN B 345 -5.52 30.37 32.37
C GLN B 345 -4.49 29.43 33.01
N LYS B 346 -3.46 29.10 32.23
CA LYS B 346 -2.44 28.13 32.68
C LYS B 346 -1.83 28.55 34.04
N THR B 347 -1.48 29.82 34.20
CA THR B 347 -0.80 30.25 35.45
C THR B 347 -1.71 30.15 36.67
N LYS B 348 -3.03 30.14 36.48
CA LYS B 348 -3.98 29.96 37.59
C LYS B 348 -4.50 28.54 37.67
N ASN B 349 -4.15 27.72 36.68
CA ASN B 349 -4.72 26.37 36.52
C ASN B 349 -6.26 26.38 36.55
N SER B 350 -6.87 27.32 35.82
CA SER B 350 -8.33 27.42 35.81
C SER B 350 -8.80 28.05 34.52
N TRP B 351 -10.07 27.81 34.18
CA TRP B 351 -10.72 28.52 33.07
C TRP B 351 -11.17 29.85 33.63
N SER B 352 -11.14 30.93 32.83
CA SER B 352 -11.76 32.18 33.26
C SER B 352 -13.27 31.90 33.39
N SER B 353 -14.00 32.74 34.11
CA SER B 353 -15.46 32.57 34.17
C SER B 353 -16.04 32.88 32.80
N PHE B 354 -17.04 32.11 32.36
CA PHE B 354 -17.75 32.48 31.11
C PHE B 354 -18.29 33.90 31.24
N VAL B 355 -18.13 34.69 30.18
CA VAL B 355 -18.77 36.01 30.09
C VAL B 355 -19.67 36.01 28.88
N GLN B 356 -20.73 36.79 28.96
CA GLN B 356 -21.70 36.86 27.88
C GLN B 356 -21.18 37.70 26.73
N VAL B 357 -21.33 37.19 25.52
CA VAL B 357 -21.04 37.97 24.31
C VAL B 357 -22.21 38.94 24.12
N PHE B 358 -21.91 40.22 23.88
CA PHE B 358 -22.96 41.18 23.60
C PHE B 358 -23.24 41.21 22.10
N ASP B 359 -24.50 40.99 21.74
CA ASP B 359 -24.91 40.99 20.34
C ASP B 359 -26.34 41.52 20.22
N GLY B 360 -26.85 41.64 18.99
CA GLY B 360 -28.15 42.27 18.79
C GLY B 360 -29.30 41.51 19.47
N GLY B 361 -29.11 40.22 19.76
CA GLY B 361 -30.16 39.46 20.44
C GLY B 361 -29.97 39.46 21.95
N ASN B 362 -28.81 39.96 22.39
CA ASN B 362 -28.44 39.93 23.81
C ASN B 362 -27.69 41.21 24.11
N PRO B 363 -28.38 42.37 24.04
CA PRO B 363 -27.62 43.59 24.17
C PRO B 363 -27.21 43.90 25.60
N PRO B 364 -26.15 44.69 25.75
CA PRO B 364 -25.78 45.16 27.10
C PRO B 364 -26.90 46.02 27.67
N GLN B 365 -27.10 45.93 28.99
CA GLN B 365 -28.17 46.67 29.68
C GLN B 365 -27.58 47.97 30.25
N PRO B 366 -28.41 49.05 30.36
CA PRO B 366 -27.87 50.28 30.92
C PRO B 366 -27.12 50.06 32.26
N SER B 367 -27.68 49.25 33.16
CA SER B 367 -27.04 48.99 34.46
C SER B 367 -25.74 48.18 34.33
N ASP B 368 -25.57 47.43 33.24
CA ASP B 368 -24.32 46.71 32.97
C ASP B 368 -23.17 47.67 32.71
N ILE B 369 -23.50 48.84 32.15
CA ILE B 369 -22.45 49.70 31.59
C ILE B 369 -22.39 51.07 32.28
N GLY B 370 -23.34 51.34 33.16
CA GLY B 370 -23.36 52.63 33.83
C GLY B 370 -23.94 53.75 32.97
N ALA B 371 -24.95 53.41 32.16
CA ALA B 371 -25.65 54.42 31.37
C ALA B 371 -27.04 54.69 31.95
N LEU B 372 -27.51 55.91 31.85
CA LEU B 372 -28.84 56.24 32.36
C LEU B 372 -29.89 55.61 31.46
N PRO B 373 -30.93 54.99 32.06
CA PRO B 373 -32.09 54.54 31.26
C PRO B 373 -32.73 55.68 30.46
N SER B 374 -33.32 55.35 29.31
CA SER B 374 -33.94 56.36 28.45
C SER B 374 -35.20 57.01 29.06
N ASP B 375 -35.80 56.41 30.09
CA ASP B 375 -36.95 57.04 30.74
C ASP B 375 -37.21 56.47 32.11
N ASN B 376 -38.13 57.09 32.87
CA ASN B 376 -38.49 56.64 34.23
C ASN B 376 -37.23 56.43 35.08
N ALA B 377 -36.26 57.34 34.88
CA ALA B 377 -34.92 57.19 35.46
C ALA B 377 -34.73 57.96 36.76
N THR B 378 -33.80 57.46 37.57
CA THR B 378 -33.37 58.12 38.81
C THR B 378 -31.85 58.18 38.85
N MSE B 379 -31.30 59.30 39.30
CA MSE B 379 -29.86 59.45 39.40
C MSE B 379 -29.52 60.37 40.57
O MSE B 379 -30.39 61.09 41.08
CB MSE B 379 -29.29 60.00 38.08
CG MSE B 379 -29.70 61.44 37.81
SE MSE B 379 -29.43 61.91 35.90
CE MSE B 379 -27.50 61.55 35.72
N GLY B 380 -28.27 60.35 41.02
CA GLY B 380 -27.83 61.20 42.16
C GLY B 380 -27.83 62.68 41.78
N ASN B 381 -27.16 62.99 40.67
CA ASN B 381 -27.05 64.38 40.26
C ASN B 381 -26.82 64.54 38.77
N LEU B 382 -27.14 65.73 38.28
CA LEU B 382 -27.03 66.04 36.87
C LEU B 382 -26.61 67.50 36.72
N THR B 383 -25.74 67.77 35.76
CA THR B 383 -25.35 69.10 35.41
C THR B 383 -25.78 69.41 33.96
N ILE B 384 -26.43 70.56 33.80
CA ILE B 384 -26.93 71.03 32.51
C ILE B 384 -26.21 72.33 32.19
N ARG B 385 -25.56 72.39 31.04
CA ARG B 385 -24.83 73.61 30.68
C ARG B 385 -25.67 74.70 30.04
N ASP B 386 -26.65 74.32 29.21
CA ASP B 386 -27.32 75.30 28.33
C ASP B 386 -28.77 75.49 28.66
N PHE B 387 -29.56 74.42 28.67
CA PHE B 387 -30.94 74.55 29.08
C PHE B 387 -31.57 73.23 29.47
N LEU B 388 -32.52 73.32 30.38
CA LEU B 388 -33.37 72.21 30.71
C LEU B 388 -34.79 72.69 30.39
N ARG B 389 -35.55 71.89 29.67
CA ARG B 389 -36.93 72.23 29.39
C ARG B 389 -37.83 71.24 30.10
N ILE B 390 -38.84 71.76 30.81
CA ILE B 390 -39.87 70.93 31.43
C ILE B 390 -41.20 71.43 30.89
N GLY B 391 -41.92 70.56 30.19
CA GLY B 391 -43.08 71.01 29.41
C GLY B 391 -42.68 72.18 28.51
N ASN B 392 -43.35 73.32 28.68
CA ASN B 392 -43.04 74.50 27.85
C ASN B 392 -42.18 75.54 28.57
N VAL B 393 -41.61 75.18 29.70
CA VAL B 393 -40.70 76.07 30.43
C VAL B 393 -39.24 75.71 30.18
N ARG B 394 -38.44 76.69 29.78
CA ARG B 394 -37.00 76.55 29.55
C ARG B 394 -36.27 77.17 30.76
N ILE B 395 -35.49 76.36 31.48
CA ILE B 395 -34.62 76.84 32.57
C ILE B 395 -33.20 77.01 32.03
N VAL B 396 -32.68 78.24 32.12
CA VAL B 396 -31.35 78.55 31.59
C VAL B 396 -30.48 79.24 32.65
N PRO B 397 -29.15 79.17 32.52
CA PRO B 397 -28.30 79.90 33.45
C PRO B 397 -28.48 81.42 33.35
N ASP B 398 -28.43 82.08 34.51
CA ASP B 398 -28.39 83.54 34.57
C ASP B 398 -27.24 83.96 35.51
N PRO B 399 -25.98 83.82 35.03
CA PRO B 399 -24.84 84.04 35.91
C PRO B 399 -24.71 85.47 36.46
N VAL B 400 -25.09 86.50 35.67
CA VAL B 400 -25.00 87.90 36.10
C VAL B 400 -25.78 88.13 37.39
N ASN B 401 -26.86 87.39 37.56
CA ASN B 401 -27.64 87.42 38.77
C ASN B 401 -27.34 86.25 39.68
N LYS B 402 -26.30 85.49 39.35
CA LYS B 402 -25.94 84.27 40.07
C LYS B 402 -27.18 83.39 40.36
N THR B 403 -28.02 83.24 39.34
CA THR B 403 -29.23 82.44 39.46
C THR B 403 -29.55 81.74 38.13
N VAL B 404 -30.77 81.24 38.00
CA VAL B 404 -31.26 80.69 36.73
C VAL B 404 -32.52 81.46 36.30
N LYS B 405 -32.84 81.45 35.00
CA LYS B 405 -34.10 82.05 34.49
C LYS B 405 -35.13 80.99 34.10
N PHE B 406 -36.41 81.32 34.30
CA PHE B 406 -37.53 80.48 33.84
C PHE B 406 -38.27 81.19 32.73
N GLU B 407 -38.17 80.67 31.51
CA GLU B 407 -38.80 81.28 30.34
C GLU B 407 -39.85 80.35 29.76
N TRP B 408 -41.09 80.83 29.69
CA TRP B 408 -42.14 80.13 28.97
C TRP B 408 -41.84 80.26 27.48
N VAL B 409 -41.86 79.14 26.76
CA VAL B 409 -41.30 79.08 25.41
C VAL B 409 -42.23 78.37 24.40
N GLU B 410 -43.53 78.60 24.57
CA GLU B 410 -44.60 78.31 23.58
C GLU B 410 -44.42 77.14 22.58
N PRO C 14 50.99 -88.83 -38.34
CA PRO C 14 50.02 -89.91 -38.53
C PRO C 14 48.71 -89.39 -39.14
N SER C 15 47.91 -88.70 -38.34
CA SER C 15 46.69 -88.06 -38.82
C SER C 15 46.73 -86.54 -38.56
N GLN C 16 47.61 -85.86 -39.30
CA GLN C 16 47.71 -84.42 -39.25
C GLN C 16 46.57 -83.79 -40.05
N PHE C 17 45.43 -84.48 -40.06
CA PHE C 17 44.22 -84.00 -40.75
C PHE C 17 43.03 -84.04 -39.79
N ILE C 18 42.05 -83.18 -40.05
CA ILE C 18 40.95 -82.96 -39.10
C ILE C 18 39.77 -83.88 -39.38
N ARG C 19 39.34 -84.59 -38.34
CA ARG C 19 38.19 -85.49 -38.42
C ARG C 19 36.87 -84.73 -38.58
N ARG C 20 36.01 -85.29 -39.41
CA ARG C 20 34.76 -84.65 -39.82
C ARG C 20 33.57 -85.23 -39.04
N ASP C 21 33.84 -86.00 -37.99
CA ASP C 21 32.78 -86.63 -37.21
C ASP C 21 33.19 -86.88 -35.75
N ILE C 22 34.33 -86.35 -35.36
CA ILE C 22 34.86 -86.55 -34.01
C ILE C 22 35.44 -85.27 -33.43
N ALA C 23 35.37 -85.13 -32.10
CA ALA C 23 35.92 -83.99 -31.37
C ALA C 23 37.43 -83.84 -31.61
N GLN C 24 37.82 -82.70 -32.16
CA GLN C 24 39.18 -82.44 -32.64
C GLN C 24 39.77 -81.18 -32.03
N THR C 25 41.09 -81.12 -31.97
CA THR C 25 41.80 -79.95 -31.49
C THR C 25 42.76 -79.39 -32.55
N VAL C 26 42.26 -78.43 -33.33
CA VAL C 26 43.02 -77.80 -34.43
C VAL C 26 44.12 -76.88 -33.92
N ASN C 27 45.37 -77.15 -34.30
CA ASN C 27 46.53 -76.42 -33.73
C ASN C 27 47.28 -75.50 -34.69
N GLY C 28 46.75 -75.34 -35.90
CA GLY C 28 47.16 -74.30 -36.83
C GLY C 28 46.04 -73.29 -37.09
N SER C 29 46.41 -72.09 -37.53
CA SER C 29 45.46 -71.02 -37.76
C SER C 29 44.63 -71.22 -39.02
N LEU C 30 43.34 -71.47 -38.84
CA LEU C 30 42.41 -71.55 -39.97
C LEU C 30 42.04 -70.16 -40.51
N THR C 31 41.97 -70.06 -41.84
CA THR C 31 41.49 -68.87 -42.51
C THR C 31 40.34 -69.30 -43.40
N LEU C 32 39.12 -68.97 -42.99
CA LEU C 32 37.92 -69.39 -43.71
C LEU C 32 37.46 -68.32 -44.71
N THR C 33 37.45 -68.67 -46.00
CA THR C 33 37.21 -67.70 -47.07
C THR C 33 35.76 -67.71 -47.54
N GLN C 34 35.01 -68.70 -47.09
CA GLN C 34 33.61 -68.80 -47.45
C GLN C 34 32.77 -68.64 -46.19
N GLN C 35 31.47 -68.44 -46.38
CA GLN C 35 30.54 -68.31 -45.26
C GLN C 35 30.66 -69.50 -44.31
N THR C 36 30.81 -69.21 -43.03
CA THR C 36 30.85 -70.23 -42.00
C THR C 36 29.48 -70.27 -41.36
N ASN C 37 28.87 -71.46 -41.33
CA ASN C 37 27.60 -71.65 -40.65
C ASN C 37 27.80 -72.40 -39.34
N LEU C 38 27.12 -71.96 -38.29
CA LEU C 38 27.09 -72.68 -37.01
C LEU C 38 25.65 -73.01 -36.66
N SER C 39 25.44 -74.13 -35.97
CA SER C 39 24.10 -74.47 -35.47
C SER C 39 24.15 -74.89 -34.00
N ALA C 40 25.27 -74.59 -33.36
CA ALA C 40 25.47 -74.87 -31.94
C ALA C 40 26.31 -73.73 -31.33
N PRO C 41 26.41 -73.67 -29.98
CA PRO C 41 27.12 -72.55 -29.33
C PRO C 41 28.55 -72.33 -29.80
N LEU C 42 28.91 -71.05 -29.96
CA LEU C 42 30.30 -70.65 -30.11
C LEU C 42 30.79 -70.13 -28.77
N VAL C 43 31.85 -70.73 -28.25
CA VAL C 43 32.35 -70.42 -26.93
C VAL C 43 33.85 -70.12 -27.04
N SER C 44 34.22 -68.88 -26.75
CA SER C 44 35.60 -68.46 -26.84
C SER C 44 36.10 -67.99 -25.49
N SER C 45 37.38 -68.23 -25.21
CA SER C 45 38.02 -67.65 -24.05
C SER C 45 38.78 -66.38 -24.45
N SER C 46 38.62 -65.98 -25.70
CA SER C 46 39.38 -64.86 -26.22
C SER C 46 38.46 -63.80 -26.88
N THR C 47 39.07 -62.92 -27.67
CA THR C 47 38.40 -61.75 -28.22
C THR C 47 37.71 -62.02 -29.56
N GLY C 48 36.82 -61.11 -29.96
CA GLY C 48 36.21 -61.16 -31.27
C GLY C 48 36.34 -59.80 -31.94
N GLU C 49 36.54 -59.81 -33.24
CA GLU C 49 36.69 -58.59 -34.01
C GLU C 49 36.03 -58.81 -35.35
N PHE C 50 34.96 -58.05 -35.62
CA PHE C 50 34.28 -58.13 -36.91
C PHE C 50 34.42 -56.83 -37.67
N GLY C 51 34.84 -56.94 -38.94
CA GLY C 51 35.08 -55.75 -39.77
C GLY C 51 33.81 -55.31 -40.44
N GLY C 52 32.77 -56.12 -40.32
CA GLY C 52 31.42 -55.72 -40.75
C GLY C 52 30.49 -55.58 -39.54
N SER C 53 29.21 -55.37 -39.81
CA SER C 53 28.21 -55.25 -38.74
C SER C 53 27.99 -56.58 -37.99
N LEU C 54 27.37 -56.50 -36.82
CA LEU C 54 27.14 -57.65 -35.97
C LEU C 54 25.70 -57.62 -35.47
N ALA C 55 25.10 -58.82 -35.33
CA ALA C 55 23.74 -58.93 -34.80
C ALA C 55 23.60 -60.15 -33.90
N ALA C 56 22.70 -60.06 -32.93
CA ALA C 56 22.46 -61.17 -32.03
C ALA C 56 21.00 -61.16 -31.70
N ASN C 57 20.50 -62.27 -31.16
CA ASN C 57 19.10 -62.36 -30.82
C ASN C 57 18.79 -62.05 -29.35
N ARG C 58 17.84 -61.13 -29.17
CA ARG C 58 17.20 -60.80 -27.89
C ARG C 58 18.04 -60.06 -26.83
N THR C 59 19.23 -60.57 -26.51
CA THR C 59 20.02 -60.05 -25.39
C THR C 59 21.50 -59.99 -25.73
N PHE C 60 22.12 -58.87 -25.38
CA PHE C 60 23.56 -58.78 -25.38
C PHE C 60 24.02 -58.50 -23.96
N THR C 61 24.92 -59.34 -23.45
CA THR C 61 25.42 -59.19 -22.10
C THR C 61 26.91 -58.87 -22.13
N ILE C 62 27.30 -57.83 -21.41
CA ILE C 62 28.71 -57.54 -21.21
C ILE C 62 29.05 -58.05 -19.82
N ARG C 63 29.89 -59.09 -19.80
CA ARG C 63 30.24 -59.78 -18.58
C ARG C 63 31.30 -59.00 -17.85
N ASN C 64 31.30 -59.09 -16.53
CA ASN C 64 32.18 -58.32 -15.68
C ASN C 64 32.97 -59.32 -14.83
N THR C 65 34.29 -59.31 -14.98
CA THR C 65 35.16 -60.21 -14.20
C THR C 65 36.15 -59.42 -13.37
N GLY C 66 35.78 -58.18 -13.04
CA GLY C 66 36.59 -57.37 -12.13
C GLY C 66 36.75 -55.90 -12.50
N ALA C 67 36.44 -55.56 -13.75
CA ALA C 67 36.51 -54.19 -14.22
C ALA C 67 35.16 -53.78 -14.86
N PRO C 68 34.68 -52.56 -14.58
CA PRO C 68 33.37 -52.08 -15.07
C PRO C 68 33.17 -52.23 -16.57
N THR C 69 31.97 -52.62 -16.95
CA THR C 69 31.63 -52.88 -18.35
C THR C 69 31.27 -51.60 -19.09
N SER C 70 31.49 -51.59 -20.40
CA SER C 70 31.23 -50.40 -21.17
C SER C 70 31.02 -50.71 -22.64
N ILE C 71 30.33 -49.81 -23.32
CA ILE C 71 30.21 -49.82 -24.77
C ILE C 71 30.89 -48.55 -25.28
N VAL C 72 31.75 -48.69 -26.30
CA VAL C 72 32.49 -47.57 -26.86
C VAL C 72 32.00 -47.36 -28.27
N PHE C 73 31.65 -46.10 -28.56
CA PHE C 73 31.28 -45.69 -29.90
C PHE C 73 32.43 -44.86 -30.48
N GLU C 74 33.13 -45.42 -31.45
CA GLU C 74 34.30 -44.76 -32.05
C GLU C 74 33.92 -43.52 -32.85
N LYS C 75 34.81 -42.54 -32.83
CA LYS C 75 34.55 -41.31 -33.57
C LYS C 75 34.86 -41.40 -35.06
N GLY C 76 35.80 -42.28 -35.41
CA GLY C 76 36.16 -42.47 -36.82
C GLY C 76 36.88 -41.27 -37.39
N PRO C 77 37.02 -41.23 -38.74
CA PRO C 77 37.65 -40.09 -39.40
C PRO C 77 36.82 -38.80 -39.23
N ALA C 78 37.52 -37.66 -39.19
CA ALA C 78 36.87 -36.37 -39.01
C ALA C 78 36.26 -35.88 -40.34
N SER C 79 35.13 -36.49 -40.72
CA SER C 79 34.43 -36.16 -41.96
C SER C 79 32.98 -36.63 -41.89
N GLY C 80 32.18 -36.22 -42.87
CA GLY C 80 30.80 -36.64 -43.00
C GLY C 80 30.00 -36.32 -41.75
N ALA C 81 29.35 -37.34 -41.20
CA ALA C 81 28.45 -37.20 -40.06
C ALA C 81 29.05 -37.80 -38.78
N ASN C 82 30.37 -37.86 -38.75
CA ASN C 82 31.07 -38.36 -37.58
C ASN C 82 31.16 -37.35 -36.44
N PRO C 83 31.19 -37.84 -35.19
CA PRO C 83 31.29 -36.98 -34.02
C PRO C 83 32.74 -36.51 -33.87
N ALA C 84 32.94 -35.41 -33.18
CA ALA C 84 34.28 -34.93 -32.89
C ALA C 84 35.02 -35.81 -31.88
N GLN C 85 34.29 -36.47 -30.97
CA GLN C 85 34.92 -37.33 -29.96
C GLN C 85 34.23 -38.69 -29.86
N SER C 86 34.96 -39.71 -29.42
CA SER C 86 34.36 -41.01 -29.15
C SER C 86 33.49 -40.90 -27.89
N MSE C 87 32.54 -41.81 -27.76
CA MSE C 87 31.68 -41.80 -26.58
C MSE C 87 31.64 -43.18 -25.96
O MSE C 87 32.04 -44.15 -26.59
CB MSE C 87 30.28 -41.35 -26.97
CG MSE C 87 30.27 -39.90 -27.43
SE MSE C 87 28.46 -39.19 -27.32
CE MSE C 87 28.32 -39.04 -25.36
N SER C 88 31.20 -43.27 -24.70
CA SER C 88 31.03 -44.54 -24.05
C SER C 88 29.86 -44.50 -23.10
N ILE C 89 29.27 -45.68 -22.90
CA ILE C 89 28.34 -45.92 -21.82
C ILE C 89 29.13 -46.83 -20.88
N ARG C 90 29.25 -46.42 -19.61
CA ARG C 90 29.97 -47.22 -18.63
C ARG C 90 29.08 -47.41 -17.40
N VAL C 91 29.08 -48.63 -16.88
CA VAL C 91 28.33 -48.93 -15.65
C VAL C 91 29.34 -49.28 -14.56
N TRP C 92 29.43 -48.42 -13.53
CA TRP C 92 30.50 -48.51 -12.54
C TRP C 92 29.95 -48.01 -11.19
N GLY C 93 30.80 -48.04 -10.16
CA GLY C 93 30.47 -47.43 -8.88
C GLY C 93 31.73 -47.24 -8.06
N ASN C 94 31.60 -46.63 -6.89
CA ASN C 94 32.75 -46.51 -5.97
C ASN C 94 32.49 -47.08 -4.57
N GLN C 95 31.46 -47.90 -4.43
CA GLN C 95 31.16 -48.45 -3.11
C GLN C 95 32.27 -49.39 -2.60
N PHE C 96 33.00 -50.02 -3.52
CA PHE C 96 33.97 -51.06 -3.15
C PHE C 96 35.41 -50.66 -3.43
N GLY C 97 35.60 -49.38 -3.76
CA GLY C 97 36.91 -48.83 -4.16
C GLY C 97 36.77 -47.52 -4.94
N GLY C 98 37.89 -46.90 -5.28
N GLY C 98 37.92 -46.90 -5.23
CA GLY C 98 37.82 -45.63 -6.00
CA GLY C 98 38.00 -45.73 -6.11
C GLY C 98 37.84 -44.44 -5.07
C GLY C 98 38.61 -44.43 -5.58
N GLY C 99 38.90 -44.39 -4.28
CA GLY C 99 39.30 -43.15 -3.58
C GLY C 99 38.62 -42.93 -2.24
N SER C 100 38.02 -41.75 -2.07
CA SER C 100 37.54 -41.33 -0.76
C SER C 100 36.00 -41.35 -0.67
N ASP C 101 35.35 -41.31 -1.83
CA ASP C 101 33.90 -41.38 -1.86
C ASP C 101 33.47 -42.84 -2.04
N THR C 102 32.52 -43.25 -1.21
CA THR C 102 31.96 -44.59 -1.29
C THR C 102 30.45 -44.60 -1.52
N THR C 103 29.86 -43.46 -1.89
CA THR C 103 28.40 -43.38 -1.92
C THR C 103 27.74 -43.60 -3.27
N ARG C 104 28.52 -43.66 -4.34
CA ARG C 104 28.02 -43.83 -5.72
C ARG C 104 27.96 -45.33 -6.03
N SER C 105 26.93 -46.00 -5.55
CA SER C 105 26.84 -47.46 -5.61
C SER C 105 26.76 -47.98 -7.02
N THR C 106 25.90 -47.41 -7.84
CA THR C 106 25.68 -47.97 -9.17
C THR C 106 25.44 -46.78 -10.09
N VAL C 107 26.30 -46.60 -11.09
CA VAL C 107 26.27 -45.41 -11.97
C VAL C 107 26.19 -45.87 -13.40
N PHE C 108 25.28 -45.29 -14.17
CA PHE C 108 25.17 -45.54 -15.60
C PHE C 108 25.61 -44.22 -16.23
N GLU C 109 26.82 -44.18 -16.79
CA GLU C 109 27.45 -42.91 -17.20
C GLU C 109 27.65 -42.84 -18.72
N VAL C 110 27.23 -41.75 -19.33
CA VAL C 110 27.38 -41.56 -20.77
C VAL C 110 28.23 -40.30 -21.01
N GLY C 111 29.29 -40.41 -21.80
CA GLY C 111 30.15 -39.24 -21.99
C GLY C 111 31.15 -39.43 -23.10
N ASP C 112 31.98 -38.41 -23.31
CA ASP C 112 32.94 -38.46 -24.39
C ASP C 112 34.33 -38.38 -23.80
N ASP C 113 35.31 -38.12 -24.66
CA ASP C 113 36.72 -38.05 -24.25
C ASP C 113 36.99 -36.96 -23.20
N THR C 114 36.19 -35.89 -23.22
CA THR C 114 36.41 -34.75 -22.32
C THR C 114 35.79 -34.91 -20.92
N SER C 115 34.52 -35.30 -20.86
CA SER C 115 33.81 -35.43 -19.60
C SER C 115 32.52 -36.19 -19.83
N HIS C 116 31.84 -36.54 -18.75
CA HIS C 116 30.51 -37.11 -18.90
C HIS C 116 29.57 -36.06 -19.48
N HIS C 117 28.57 -36.54 -20.22
CA HIS C 117 27.44 -35.72 -20.61
C HIS C 117 26.35 -35.84 -19.55
N PHE C 118 26.06 -37.07 -19.14
CA PHE C 118 25.02 -37.31 -18.13
C PHE C 118 25.26 -38.65 -17.45
N TYR C 119 24.67 -38.83 -16.27
CA TYR C 119 24.64 -40.15 -15.66
C TYR C 119 23.39 -40.34 -14.81
N SER C 120 22.92 -41.58 -14.67
CA SER C 120 21.99 -41.88 -13.61
C SER C 120 22.76 -42.69 -12.56
N GLN C 121 22.38 -42.57 -11.31
CA GLN C 121 23.00 -43.39 -10.28
C GLN C 121 22.04 -43.68 -9.17
N ARG C 122 22.24 -44.81 -8.49
CA ARG C 122 21.56 -45.05 -7.25
C ARG C 122 22.66 -44.93 -6.20
N ASN C 123 22.44 -44.13 -5.17
CA ASN C 123 23.49 -43.96 -4.16
C ASN C 123 23.41 -45.04 -3.09
N LYS C 124 24.39 -45.03 -2.19
CA LYS C 124 24.43 -45.99 -1.06
C LYS C 124 23.11 -46.02 -0.25
N ASP C 125 22.43 -44.87 -0.13
CA ASP C 125 21.16 -44.81 0.59
C ASP C 125 19.96 -45.29 -0.21
N GLY C 126 20.16 -45.64 -1.49
CA GLY C 126 19.11 -46.21 -2.30
C GLY C 126 18.37 -45.21 -3.18
N ASN C 127 18.76 -43.94 -3.12
CA ASN C 127 18.10 -42.87 -3.88
C ASN C 127 18.74 -42.62 -5.24
N ILE C 128 17.92 -42.23 -6.21
CA ILE C 128 18.33 -42.10 -7.61
C ILE C 128 18.47 -40.64 -8.01
N ALA C 129 19.56 -40.34 -8.72
CA ALA C 129 19.80 -39.01 -9.27
C ALA C 129 20.06 -39.18 -10.76
N PHE C 130 19.67 -38.19 -11.55
CA PHE C 130 19.99 -38.15 -12.95
C PHE C 130 20.71 -36.82 -13.16
N ASN C 131 22.01 -36.89 -13.37
CA ASN C 131 22.86 -35.70 -13.45
C ASN C 131 23.13 -35.33 -14.92
N ILE C 132 22.91 -34.06 -15.26
CA ILE C 132 23.18 -33.59 -16.60
C ILE C 132 24.27 -32.50 -16.49
N ASN C 133 25.37 -32.69 -17.22
CA ASN C 133 26.56 -31.83 -17.10
C ASN C 133 26.43 -30.59 -17.99
N GLY C 134 25.30 -29.90 -17.86
CA GLY C 134 25.01 -28.80 -18.76
C GLY C 134 23.53 -28.47 -18.72
N THR C 135 22.96 -28.12 -19.87
CA THR C 135 21.61 -27.60 -19.92
C THR C 135 20.59 -28.67 -20.30
N VAL C 136 19.58 -28.89 -19.45
CA VAL C 136 18.46 -29.76 -19.85
C VAL C 136 17.44 -28.91 -20.63
N MSE C 137 17.01 -29.41 -21.78
CA MSE C 137 16.11 -28.67 -22.65
C MSE C 137 14.91 -29.53 -23.04
O MSE C 137 14.90 -30.15 -24.10
CB MSE C 137 16.84 -28.20 -23.90
CB MSE C 137 16.86 -28.20 -23.90
CG MSE C 137 18.00 -27.27 -23.56
CG MSE C 137 18.19 -27.56 -23.56
SE MSE C 137 18.91 -26.69 -25.15
SE MSE C 137 19.14 -26.97 -25.14
CE MSE C 137 17.43 -25.70 -25.98
CE MSE C 137 18.82 -28.52 -26.29
N PRO C 138 13.92 -29.60 -22.14
CA PRO C 138 12.68 -30.31 -22.45
C PRO C 138 11.71 -29.38 -23.16
N ILE C 139 10.54 -29.91 -23.54
CA ILE C 139 9.40 -29.07 -23.90
C ILE C 139 8.71 -28.74 -22.57
N ASN C 140 7.93 -29.67 -22.01
CA ASN C 140 7.29 -29.44 -20.72
C ASN C 140 8.08 -30.05 -19.57
N ILE C 141 7.91 -29.48 -18.36
CA ILE C 141 8.43 -30.08 -17.14
C ILE C 141 7.24 -30.39 -16.23
N ASN C 142 7.22 -31.59 -15.65
CA ASN C 142 6.20 -31.97 -14.69
C ASN C 142 6.83 -32.74 -13.52
N ALA C 143 7.20 -32.00 -12.47
CA ALA C 143 7.90 -32.59 -11.33
C ALA C 143 6.91 -32.87 -10.19
N SER C 144 6.92 -34.10 -9.68
CA SER C 144 6.01 -34.47 -8.60
C SER C 144 6.55 -34.05 -7.23
N GLY C 145 7.85 -33.77 -7.14
CA GLY C 145 8.47 -33.35 -5.88
C GLY C 145 8.85 -31.88 -5.82
N LEU C 146 9.99 -31.62 -5.17
CA LEU C 146 10.54 -30.28 -4.88
C LEU C 146 11.36 -29.73 -6.02
N MSE C 147 11.54 -28.41 -6.05
CA MSE C 147 12.45 -27.77 -6.99
CA MSE C 147 12.47 -27.80 -6.98
C MSE C 147 13.39 -26.81 -6.27
O MSE C 147 12.94 -26.00 -5.44
CB MSE C 147 11.71 -27.02 -8.10
CB MSE C 147 11.78 -27.14 -8.16
CG MSE C 147 12.61 -26.04 -8.86
CG MSE C 147 12.75 -26.87 -9.29
SE MSE C 147 11.67 -24.72 -9.93
SE MSE C 147 12.06 -25.70 -10.63
CE MSE C 147 11.68 -25.69 -11.62
CE MSE C 147 11.67 -24.26 -9.38
N ASN C 148 14.66 -26.91 -6.62
CA ASN C 148 15.65 -25.93 -6.24
C ASN C 148 16.38 -25.48 -7.50
N VAL C 149 16.52 -24.17 -7.65
CA VAL C 149 17.31 -23.55 -8.72
C VAL C 149 18.25 -22.53 -8.09
N ASN C 150 19.55 -22.75 -8.24
CA ASN C 150 20.52 -21.84 -7.59
C ASN C 150 20.72 -20.51 -8.29
N GLY C 151 20.59 -20.48 -9.62
CA GLY C 151 20.86 -19.28 -10.39
C GLY C 151 19.59 -18.50 -10.71
N THR C 152 19.75 -17.43 -11.49
CA THR C 152 18.60 -16.60 -11.88
CA THR C 152 18.67 -16.58 -11.97
C THR C 152 17.60 -17.39 -12.71
N ALA C 153 16.33 -17.06 -12.51
CA ALA C 153 15.23 -17.74 -13.17
C ALA C 153 14.39 -16.74 -13.98
N THR C 154 13.97 -17.17 -15.16
CA THR C 154 13.15 -16.34 -16.04
C THR C 154 11.98 -17.16 -16.56
N PHE C 155 10.80 -16.56 -16.52
CA PHE C 155 9.58 -17.19 -16.96
C PHE C 155 8.96 -16.36 -18.05
N GLY C 156 8.44 -17.03 -19.07
CA GLY C 156 7.94 -16.33 -20.24
C GLY C 156 6.49 -15.88 -20.13
N ARG C 157 5.75 -16.43 -19.16
CA ARG C 157 4.32 -16.13 -19.05
C ARG C 157 3.97 -15.96 -17.57
N SER C 158 2.76 -16.35 -17.17
CA SER C 158 2.36 -16.22 -15.76
C SER C 158 3.02 -17.30 -14.90
N VAL C 159 3.07 -17.03 -13.61
CA VAL C 159 3.60 -17.96 -12.62
C VAL C 159 2.53 -18.02 -11.53
N THR C 160 1.89 -19.19 -11.35
CA THR C 160 0.84 -19.35 -10.33
C THR C 160 1.36 -20.29 -9.27
N ALA C 161 1.18 -19.92 -8.00
CA ALA C 161 1.50 -20.80 -6.88
C ALA C 161 0.26 -21.00 -5.98
N ASN C 162 0.06 -22.22 -5.50
CA ASN C 162 -1.00 -22.45 -4.54
C ASN C 162 -0.59 -21.99 -3.16
N GLY C 163 0.73 -21.89 -2.95
CA GLY C 163 1.28 -21.36 -1.71
C GLY C 163 1.72 -19.92 -1.86
N GLU C 164 2.46 -19.47 -0.86
CA GLU C 164 2.94 -18.10 -0.73
C GLU C 164 4.21 -17.86 -1.53
N PHE C 165 4.40 -16.64 -2.04
CA PHE C 165 5.68 -16.21 -2.61
C PHE C 165 6.45 -15.50 -1.51
N ILE C 166 7.69 -15.90 -1.27
CA ILE C 166 8.50 -15.31 -0.22
C ILE C 166 9.82 -14.87 -0.81
N SER C 167 10.20 -13.62 -0.59
CA SER C 167 11.51 -13.11 -1.00
C SER C 167 12.32 -12.76 0.24
N LYS C 168 13.60 -13.13 0.22
CA LYS C 168 14.53 -12.77 1.29
C LYS C 168 15.40 -11.60 0.88
N SER C 169 15.11 -11.02 -0.28
CA SER C 169 15.85 -9.87 -0.80
C SER C 169 15.20 -8.57 -0.26
N ALA C 170 16.02 -7.59 0.15
CA ALA C 170 15.49 -6.28 0.61
C ALA C 170 14.49 -5.73 -0.43
N ASN C 171 14.93 -5.58 -1.69
CA ASN C 171 14.00 -5.33 -2.80
C ASN C 171 13.34 -6.64 -3.16
N ALA C 172 12.04 -6.75 -2.83
CA ALA C 172 11.33 -8.02 -2.80
C ALA C 172 10.43 -8.31 -4.00
N PHE C 173 9.59 -7.36 -4.36
CA PHE C 173 8.61 -7.53 -5.44
C PHE C 173 8.63 -6.25 -6.28
N ARG C 174 8.81 -6.41 -7.59
CA ARG C 174 8.96 -5.30 -8.50
C ARG C 174 8.07 -5.50 -9.70
N ALA C 175 7.32 -4.45 -10.04
CA ALA C 175 6.46 -4.44 -11.22
C ALA C 175 7.00 -3.40 -12.19
N ILE C 176 7.45 -3.84 -13.36
CA ILE C 176 8.01 -2.92 -14.37
C ILE C 176 7.04 -2.72 -15.53
N ASN C 177 6.80 -1.46 -15.88
CA ASN C 177 6.03 -1.16 -17.08
C ASN C 177 6.42 0.24 -17.59
N GLY C 178 6.59 0.36 -18.91
CA GLY C 178 7.03 1.64 -19.49
C GLY C 178 8.32 2.11 -18.88
N ASP C 179 8.37 3.37 -18.46
CA ASP C 179 9.61 3.94 -17.97
C ASP C 179 9.99 3.62 -16.53
N TYR C 180 9.08 2.98 -15.79
CA TYR C 180 9.26 2.92 -14.32
C TYR C 180 9.15 1.53 -13.76
N GLY C 181 10.01 1.25 -12.77
CA GLY C 181 9.83 0.13 -11.89
C GLY C 181 9.22 0.63 -10.58
N PHE C 182 8.22 -0.11 -10.11
CA PHE C 182 7.63 0.07 -8.80
C PHE C 182 8.02 -1.13 -7.98
N PHE C 183 8.47 -0.94 -6.74
CA PHE C 183 8.89 -2.07 -5.92
C PHE C 183 8.64 -1.92 -4.43
N ILE C 184 8.48 -3.07 -3.79
CA ILE C 184 8.32 -3.14 -2.35
C ILE C 184 9.68 -3.56 -1.78
N ARG C 185 10.16 -2.78 -0.82
CA ARG C 185 11.47 -3.01 -0.23
C ARG C 185 11.32 -3.10 1.28
N ASN C 186 11.68 -4.24 1.85
CA ASN C 186 11.76 -4.35 3.31
C ASN C 186 13.23 -4.23 3.69
N ASP C 187 13.62 -3.10 4.27
CA ASP C 187 15.04 -2.89 4.55
C ASP C 187 15.41 -3.30 5.99
N ALA C 188 14.53 -4.08 6.62
CA ALA C 188 14.66 -4.54 8.00
C ALA C 188 14.04 -3.59 9.03
N SER C 189 14.12 -2.28 8.78
CA SER C 189 13.55 -1.27 9.70
C SER C 189 12.16 -0.77 9.28
N ASN C 190 12.03 -0.51 7.99
CA ASN C 190 10.77 -0.08 7.38
C ASN C 190 10.53 -0.83 6.08
N THR C 191 9.28 -0.94 5.69
CA THR C 191 8.93 -1.48 4.38
C THR C 191 8.43 -0.32 3.52
N TYR C 192 8.99 -0.18 2.32
CA TYR C 192 8.78 0.98 1.49
C TYR C 192 8.11 0.54 0.20
N PHE C 193 7.24 1.38 -0.36
CA PHE C 193 6.77 1.24 -1.74
C PHE C 193 7.55 2.31 -2.50
N LEU C 194 8.38 1.90 -3.44
CA LEU C 194 9.34 2.79 -4.10
C LEU C 194 9.23 2.80 -5.62
N LEU C 195 9.87 3.79 -6.23
CA LEU C 195 9.82 4.00 -7.66
C LEU C 195 11.25 4.22 -8.17
N THR C 196 11.54 3.77 -9.38
CA THR C 196 12.85 4.05 -9.98
C THR C 196 12.81 5.38 -10.72
N ALA C 197 13.99 5.88 -11.10
CA ALA C 197 14.08 6.92 -12.10
C ALA C 197 13.52 6.38 -13.41
N ALA C 198 13.04 7.28 -14.26
CA ALA C 198 12.52 6.92 -15.57
C ALA C 198 13.63 6.30 -16.41
N GLY C 199 13.35 5.17 -17.03
CA GLY C 199 14.37 4.45 -17.81
C GLY C 199 15.43 3.73 -16.99
N ASP C 200 15.23 3.61 -15.67
CA ASP C 200 16.15 2.81 -14.84
C ASP C 200 15.35 1.70 -14.09
N GLN C 201 14.51 0.98 -14.85
CA GLN C 201 13.41 0.12 -14.33
C GLN C 201 13.83 -1.00 -13.39
N THR C 202 15.07 -1.48 -13.56
CA THR C 202 15.60 -2.55 -12.70
C THR C 202 16.52 -2.03 -11.61
N GLY C 203 16.74 -0.71 -11.59
CA GLY C 203 17.68 -0.13 -10.66
C GLY C 203 17.12 0.26 -9.29
N GLY C 204 17.88 1.12 -8.61
CA GLY C 204 17.57 1.52 -7.23
C GLY C 204 16.41 2.49 -7.17
N PHE C 205 16.00 2.83 -5.95
CA PHE C 205 14.95 3.83 -5.76
C PHE C 205 15.50 5.22 -6.04
N ASN C 206 14.65 6.11 -6.56
CA ASN C 206 15.02 7.53 -6.60
C ASN C 206 14.72 8.17 -5.23
N GLY C 207 14.51 9.48 -5.22
CA GLY C 207 14.32 10.25 -3.97
C GLY C 207 12.87 10.26 -3.48
N LEU C 208 11.96 9.71 -4.26
CA LEU C 208 10.54 9.72 -3.88
C LEU C 208 10.28 8.74 -2.73
N ARG C 209 9.42 9.14 -1.79
CA ARG C 209 9.00 8.24 -0.72
C ARG C 209 7.46 8.13 -0.62
N PRO C 210 6.87 7.43 -1.59
CA PRO C 210 5.39 7.42 -1.69
C PRO C 210 4.77 6.88 -0.41
N LEU C 211 5.25 5.74 0.06
CA LEU C 211 4.65 5.14 1.25
C LEU C 211 5.65 4.26 1.98
N LEU C 212 5.67 4.35 3.31
CA LEU C 212 6.44 3.40 4.10
C LEU C 212 5.65 2.95 5.33
N ILE C 213 6.00 1.76 5.80
CA ILE C 213 5.43 1.15 7.00
C ILE C 213 6.56 0.84 7.95
N ASN C 214 6.48 1.38 9.16
CA ASN C 214 7.45 1.01 10.17
C ASN C 214 7.24 -0.45 10.60
N ASN C 215 8.31 -1.25 10.57
CA ASN C 215 8.17 -2.69 10.82
C ASN C 215 7.82 -3.02 12.28
N GLN C 216 8.24 -2.12 13.17
CA GLN C 216 8.02 -2.30 14.61
C GLN C 216 6.67 -1.78 15.11
N SER C 217 6.26 -0.60 14.66
CA SER C 217 5.01 0.02 15.13
C SER C 217 3.86 -0.11 14.14
N GLY C 218 4.17 -0.35 12.86
CA GLY C 218 3.12 -0.39 11.84
C GLY C 218 2.64 0.99 11.38
N GLN C 219 3.23 2.04 11.93
CA GLN C 219 2.83 3.41 11.54
C GLN C 219 3.17 3.67 10.06
N ILE C 220 2.26 4.30 9.34
CA ILE C 220 2.49 4.58 7.91
C ILE C 220 2.87 6.03 7.69
N THR C 221 3.84 6.27 6.81
CA THR C 221 4.20 7.62 6.38
C THR C 221 4.01 7.73 4.86
N ILE C 222 3.21 8.69 4.42
CA ILE C 222 3.05 8.97 3.00
C ILE C 222 3.82 10.24 2.69
N GLY C 223 4.79 10.16 1.77
CA GLY C 223 5.78 11.20 1.69
C GLY C 223 5.63 12.21 0.57
N GLU C 224 4.74 11.95 -0.38
CA GLU C 224 4.65 12.85 -1.56
C GLU C 224 3.23 13.40 -1.78
N GLY C 225 2.47 13.54 -0.71
CA GLY C 225 1.13 14.08 -0.85
C GLY C 225 0.08 12.99 -0.96
N LEU C 226 -1.12 13.32 -0.47
CA LEU C 226 -2.24 12.41 -0.47
C LEU C 226 -3.54 13.10 -0.91
N ILE C 227 -4.23 12.47 -1.85
CA ILE C 227 -5.57 12.86 -2.22
C ILE C 227 -6.51 11.71 -1.83
N ILE C 228 -7.66 12.08 -1.23
CA ILE C 228 -8.67 11.09 -0.84
C ILE C 228 -10.03 11.51 -1.43
N ALA C 229 -10.74 10.55 -2.01
CA ALA C 229 -12.12 10.77 -2.43
C ALA C 229 -13.01 9.92 -1.53
N LYS C 230 -14.26 10.37 -1.35
CA LYS C 230 -15.28 9.60 -0.64
C LYS C 230 -15.07 9.56 0.86
N GLY C 231 -14.40 10.60 1.38
CA GLY C 231 -14.46 10.87 2.79
C GLY C 231 -13.36 10.24 3.61
N VAL C 232 -13.11 10.84 4.77
CA VAL C 232 -12.09 10.37 5.68
C VAL C 232 -12.68 10.40 7.09
N THR C 233 -12.41 9.35 7.86
CA THR C 233 -12.76 9.35 9.28
C THR C 233 -11.51 8.95 10.10
N ILE C 234 -11.19 9.78 11.09
CA ILE C 234 -10.15 9.43 12.05
C ILE C 234 -10.90 8.94 13.29
N ASN C 235 -10.80 7.62 13.53
CA ASN C 235 -11.45 6.93 14.64
C ASN C 235 -10.91 7.28 16.02
N SER C 236 -9.64 7.64 16.08
CA SER C 236 -9.01 7.92 17.36
C SER C 236 -7.71 8.63 17.10
N GLY C 237 -7.22 9.33 18.13
CA GLY C 237 -5.89 9.91 18.12
C GLY C 237 -5.81 11.33 17.59
N GLY C 238 -6.91 11.83 17.00
CA GLY C 238 -6.99 13.23 16.56
C GLY C 238 -6.10 13.54 15.35
N LEU C 239 -5.96 14.82 15.06
CA LEU C 239 -5.29 15.25 13.83
C LEU C 239 -4.45 16.48 14.14
N THR C 240 -3.24 16.52 13.59
CA THR C 240 -2.37 17.70 13.68
C THR C 240 -2.03 18.11 12.26
N VAL C 241 -2.20 19.39 11.94
CA VAL C 241 -1.92 19.91 10.59
C VAL C 241 -0.92 21.06 10.60
N ASN C 242 0.14 20.91 9.80
CA ASN C 242 1.05 22.00 9.45
C ASN C 242 0.79 22.36 7.97
N SER C 243 0.25 23.55 7.67
CA SER C 243 0.10 24.67 8.61
C SER C 243 -1.19 25.46 8.38
N ARG C 244 -2.15 24.86 7.69
CA ARG C 244 -3.47 25.49 7.53
C ARG C 244 -4.47 24.45 7.09
N ILE C 245 -5.75 24.78 7.30
CA ILE C 245 -6.84 23.94 6.84
C ILE C 245 -7.85 24.79 6.07
N ARG C 246 -8.08 24.42 4.81
CA ARG C 246 -9.16 25.00 4.00
C ARG C 246 -10.32 24.04 4.01
N SER C 247 -11.29 24.29 4.89
CA SER C 247 -12.53 23.51 4.90
C SER C 247 -13.53 24.29 4.02
N GLN C 248 -13.79 23.76 2.83
CA GLN C 248 -14.47 24.54 1.79
C GLN C 248 -15.91 24.08 1.74
N GLY C 249 -16.83 24.90 2.23
CA GLY C 249 -18.23 24.49 2.25
C GLY C 249 -18.82 24.46 0.84
N THR C 250 -19.94 23.78 0.68
CA THR C 250 -20.61 23.70 -0.61
C THR C 250 -21.46 24.95 -0.82
N LYS C 251 -21.08 25.80 -1.76
CA LYS C 251 -21.80 27.06 -1.96
C LYS C 251 -23.02 26.80 -2.83
N THR C 252 -24.20 27.12 -2.31
CA THR C 252 -25.44 27.00 -3.08
C THR C 252 -26.14 28.36 -3.09
N SER C 253 -27.13 28.51 -3.97
CA SER C 253 -27.80 29.79 -4.11
C SER C 253 -28.68 30.13 -2.89
N ASP C 254 -29.09 29.10 -2.16
CA ASP C 254 -30.04 29.24 -1.04
C ASP C 254 -29.37 29.19 0.37
N LEU C 255 -28.06 29.47 0.45
CA LEU C 255 -27.37 29.43 1.76
C LEU C 255 -28.08 30.20 2.86
N TYR C 256 -28.75 31.31 2.53
CA TYR C 256 -29.43 32.11 3.55
C TYR C 256 -30.53 31.33 4.27
N THR C 257 -31.25 30.51 3.52
CA THR C 257 -32.38 29.80 4.08
C THR C 257 -32.14 28.31 4.20
N ARG C 258 -31.01 27.81 3.72
CA ARG C 258 -30.82 26.37 3.56
C ARG C 258 -30.77 25.66 4.93
N ALA C 259 -31.68 24.70 5.15
CA ALA C 259 -31.63 23.86 6.37
C ALA C 259 -30.40 22.93 6.29
N PRO C 260 -29.69 22.74 7.43
CA PRO C 260 -28.57 21.78 7.40
C PRO C 260 -29.07 20.36 7.12
N THR C 261 -28.17 19.52 6.61
CA THR C 261 -28.46 18.09 6.43
C THR C 261 -27.29 17.34 7.05
N SER C 262 -27.43 16.02 7.17
CA SER C 262 -26.34 15.18 7.68
C SER C 262 -25.04 15.37 6.87
N ASP C 263 -25.14 15.72 5.59
CA ASP C 263 -23.97 16.00 4.75
C ASP C 263 -23.33 17.37 4.95
N THR C 264 -24.08 18.36 5.44
CA THR C 264 -23.57 19.74 5.54
C THR C 264 -23.31 20.25 6.95
N VAL C 265 -23.66 19.46 7.97
CA VAL C 265 -23.27 19.80 9.34
C VAL C 265 -21.75 19.73 9.44
N GLY C 266 -21.18 20.42 10.41
CA GLY C 266 -19.72 20.48 10.54
C GLY C 266 -19.17 21.88 10.33
N PHE C 267 -17.85 21.95 10.41
CA PHE C 267 -17.11 23.19 10.22
C PHE C 267 -16.73 23.40 8.77
N TRP C 268 -17.02 24.58 8.25
CA TRP C 268 -16.49 25.01 6.95
C TRP C 268 -16.63 26.51 6.83
N SER C 269 -15.98 27.09 5.83
CA SER C 269 -16.19 28.49 5.44
C SER C 269 -16.55 28.57 3.95
N ILE C 270 -17.33 29.60 3.60
CA ILE C 270 -17.70 29.88 2.21
C ILE C 270 -17.50 31.37 1.92
N ASP C 271 -16.83 31.67 0.83
CA ASP C 271 -16.71 33.04 0.34
C ASP C 271 -17.99 33.39 -0.43
N ILE C 272 -18.86 34.22 0.16
CA ILE C 272 -20.09 34.61 -0.56
C ILE C 272 -19.77 35.92 -1.28
N ASN C 273 -19.34 35.77 -2.53
CA ASN C 273 -18.81 36.91 -3.26
C ASN C 273 -19.76 37.50 -4.32
N ASP C 274 -20.91 36.87 -4.51
CA ASP C 274 -21.86 37.29 -5.59
C ASP C 274 -23.03 38.00 -4.94
N SER C 275 -23.41 39.17 -5.48
CA SER C 275 -24.44 39.96 -4.85
C SER C 275 -25.81 39.28 -4.83
N ALA C 276 -26.08 38.38 -5.79
CA ALA C 276 -27.38 37.64 -5.79
C ALA C 276 -27.56 36.97 -4.44
N THR C 277 -26.46 36.46 -3.90
CA THR C 277 -26.51 35.78 -2.62
C THR C 277 -26.24 36.76 -1.48
N TYR C 278 -25.20 37.59 -1.58
CA TYR C 278 -24.89 38.44 -0.42
C TYR C 278 -25.89 39.54 -0.11
N ASN C 279 -26.64 39.97 -1.13
CA ASN C 279 -27.73 40.90 -0.90
C ASN C 279 -28.80 40.33 0.00
N GLN C 280 -28.84 39.00 0.16
CA GLN C 280 -29.81 38.37 1.08
C GLN C 280 -29.35 38.40 2.54
N PHE C 281 -28.03 38.56 2.73
CA PHE C 281 -27.41 38.49 4.05
C PHE C 281 -27.28 39.87 4.63
N PRO C 282 -26.99 39.98 5.95
CA PRO C 282 -26.86 41.33 6.50
C PRO C 282 -25.67 42.08 5.86
N GLY C 283 -25.79 43.40 5.75
CA GLY C 283 -24.66 44.23 5.28
C GLY C 283 -23.81 44.72 6.46
N TYR C 284 -22.84 45.59 6.18
CA TYR C 284 -22.21 46.36 7.23
C TYR C 284 -22.99 47.66 7.39
N PHE C 285 -22.73 48.40 8.46
CA PHE C 285 -23.35 49.71 8.63
C PHE C 285 -22.32 50.80 8.41
N LYS C 286 -22.73 51.84 7.68
CA LYS C 286 -21.97 53.07 7.69
C LYS C 286 -21.96 53.62 9.12
N MSE C 287 -20.85 54.22 9.50
CA MSE C 287 -20.74 54.82 10.81
C MSE C 287 -20.15 56.20 10.63
O MSE C 287 -19.33 56.41 9.74
CB MSE C 287 -19.79 54.02 11.71
CB MSE C 287 -19.85 53.99 11.71
CG MSE C 287 -20.09 52.53 11.84
CG MSE C 287 -20.32 52.56 11.80
SE MSE C 287 -21.80 52.14 12.70
SE MSE C 287 -20.38 52.01 13.63
CE MSE C 287 -21.37 52.56 14.53
CE MSE C 287 -22.06 52.69 14.21
N VAL C 288 -20.54 57.15 11.48
CA VAL C 288 -19.95 58.48 11.52
C VAL C 288 -19.41 58.71 12.92
N GLU C 289 -18.17 59.19 13.01
CA GLU C 289 -17.61 59.51 14.30
C GLU C 289 -18.10 60.91 14.72
N LYS C 290 -18.77 60.94 15.87
CA LYS C 290 -19.23 62.20 16.48
C LYS C 290 -18.39 62.40 17.75
N THR C 291 -18.37 63.62 18.28
CA THR C 291 -17.61 63.92 19.48
C THR C 291 -18.58 64.48 20.52
N ASN C 292 -18.54 63.92 21.73
CA ASN C 292 -19.30 64.48 22.83
C ASN C 292 -18.70 65.85 23.19
N GLU C 293 -19.52 66.89 23.03
CA GLU C 293 -19.15 68.29 23.26
C GLU C 293 -18.59 68.54 24.66
N VAL C 294 -19.26 67.98 25.65
CA VAL C 294 -18.88 68.13 27.06
C VAL C 294 -17.55 67.46 27.39
N THR C 295 -17.36 66.21 26.97
CA THR C 295 -16.17 65.44 27.37
C THR C 295 -15.05 65.47 26.33
N GLY C 296 -15.38 65.84 25.09
CA GLY C 296 -14.44 65.68 23.99
C GLY C 296 -14.23 64.25 23.49
N LEU C 297 -14.94 63.26 24.04
CA LEU C 297 -14.71 61.86 23.68
C LEU C 297 -15.58 61.46 22.49
N PRO C 298 -14.97 60.80 21.48
CA PRO C 298 -15.73 60.43 20.27
C PRO C 298 -16.52 59.13 20.44
N TYR C 299 -17.55 58.97 19.63
CA TYR C 299 -18.34 57.75 19.61
C TYR C 299 -18.83 57.56 18.16
N LEU C 300 -19.08 56.31 17.78
CA LEU C 300 -19.54 55.98 16.43
C LEU C 300 -21.05 55.92 16.37
N GLU C 301 -21.62 56.65 15.43
CA GLU C 301 -23.06 56.73 15.25
C GLU C 301 -23.45 55.89 14.03
N ARG C 302 -24.41 54.99 14.22
CA ARG C 302 -24.86 54.07 13.15
C ARG C 302 -25.69 54.75 12.07
N GLY C 303 -25.36 54.44 10.81
CA GLY C 303 -26.12 54.92 9.65
C GLY C 303 -26.72 53.77 8.86
N GLU C 304 -26.70 53.90 7.53
CA GLU C 304 -27.39 52.97 6.63
C GLU C 304 -26.70 51.62 6.55
N GLU C 305 -27.49 50.58 6.33
CA GLU C 305 -26.96 49.25 6.04
C GLU C 305 -26.47 49.24 4.58
N VAL C 306 -25.31 48.62 4.34
CA VAL C 306 -24.74 48.49 3.00
C VAL C 306 -24.47 47.01 2.74
N LYS C 307 -25.11 46.46 1.71
CA LYS C 307 -24.89 45.04 1.38
C LYS C 307 -23.44 44.82 0.97
N SER C 308 -22.92 43.65 1.31
CA SER C 308 -21.48 43.40 1.13
C SER C 308 -21.22 41.91 0.97
N PRO C 309 -20.21 41.55 0.15
CA PRO C 309 -19.76 40.16 0.22
C PRO C 309 -19.19 39.84 1.63
N GLY C 310 -18.99 38.56 1.90
CA GLY C 310 -18.55 38.21 3.25
C GLY C 310 -18.20 36.75 3.28
N THR C 311 -17.74 36.31 4.45
CA THR C 311 -17.44 34.91 4.67
C THR C 311 -18.51 34.34 5.57
N LEU C 312 -19.13 33.22 5.16
CA LEU C 312 -20.03 32.49 6.04
C LEU C 312 -19.27 31.30 6.60
N THR C 313 -19.21 31.20 7.93
CA THR C 313 -18.49 30.09 8.57
C THR C 313 -19.46 29.34 9.48
N GLN C 314 -19.46 28.01 9.41
CA GLN C 314 -20.35 27.24 10.27
C GLN C 314 -19.51 26.40 11.24
N PHE C 315 -20.08 26.13 12.42
CA PHE C 315 -19.46 25.29 13.45
C PHE C 315 -20.55 24.38 13.97
N GLY C 316 -20.14 23.28 14.62
CA GLY C 316 -21.09 22.32 15.21
C GLY C 316 -21.20 21.06 14.35
N ASN C 317 -21.46 19.92 14.97
CA ASN C 317 -21.34 18.66 14.27
C ASN C 317 -22.64 17.94 13.98
N THR C 318 -23.77 18.45 14.48
CA THR C 318 -25.03 17.70 14.39
C THR C 318 -26.20 18.55 13.98
N LEU C 319 -27.34 17.92 13.74
CA LEU C 319 -28.55 18.67 13.39
C LEU C 319 -29.16 19.41 14.57
N ASP C 320 -28.68 19.16 15.79
CA ASP C 320 -29.08 19.95 16.96
C ASP C 320 -28.11 21.07 17.28
N SER C 321 -26.83 20.78 17.06
CA SER C 321 -25.70 21.54 17.60
C SER C 321 -24.96 22.14 16.40
N LEU C 322 -25.32 23.38 16.06
CA LEU C 322 -24.89 23.98 14.80
C LEU C 322 -25.17 25.50 14.84
N TYR C 323 -24.19 26.31 14.44
CA TYR C 323 -24.36 27.76 14.43
C TYR C 323 -23.45 28.37 13.36
N GLN C 324 -23.73 29.64 13.00
CA GLN C 324 -22.96 30.29 11.92
C GLN C 324 -22.55 31.71 12.26
N ASP C 325 -21.41 32.12 11.68
CA ASP C 325 -20.90 33.48 11.75
C ASP C 325 -20.86 34.01 10.31
N TRP C 326 -21.25 35.26 10.13
CA TRP C 326 -21.21 35.97 8.84
C TRP C 326 -20.32 37.21 9.04
N ILE C 327 -19.20 37.24 8.32
CA ILE C 327 -18.23 38.33 8.49
C ILE C 327 -18.10 39.06 7.16
N THR C 328 -18.65 40.28 7.08
CA THR C 328 -18.59 41.01 5.81
C THR C 328 -17.15 41.46 5.51
N TYR C 329 -16.79 41.56 4.24
CA TYR C 329 -15.49 42.12 3.92
C TYR C 329 -15.62 43.26 2.90
N PRO C 330 -14.77 44.28 3.05
CA PRO C 330 -14.89 45.50 2.28
C PRO C 330 -14.37 45.30 0.86
N THR C 331 -15.13 45.78 -0.12
CA THR C 331 -14.64 45.72 -1.50
C THR C 331 -14.65 47.08 -2.17
N THR C 332 -15.00 48.12 -1.40
CA THR C 332 -14.98 49.51 -1.84
C THR C 332 -14.16 50.29 -0.84
N PRO C 333 -13.66 51.48 -1.22
CA PRO C 333 -12.62 52.14 -0.40
C PRO C 333 -13.04 52.56 1.03
N GLU C 334 -14.31 52.90 1.23
CA GLU C 334 -14.80 53.31 2.53
C GLU C 334 -15.63 52.25 3.25
N ALA C 335 -15.72 51.03 2.67
CA ALA C 335 -16.54 49.98 3.27
C ALA C 335 -15.95 49.56 4.64
N ARG C 336 -16.83 49.28 5.59
CA ARG C 336 -16.43 48.78 6.92
C ARG C 336 -16.67 47.27 6.95
N THR C 337 -16.35 46.61 8.06
CA THR C 337 -16.59 45.18 8.24
C THR C 337 -17.47 45.01 9.50
N THR C 338 -18.48 44.15 9.40
CA THR C 338 -19.40 43.86 10.53
C THR C 338 -19.56 42.33 10.64
N ARG C 339 -19.69 41.82 11.86
CA ARG C 339 -19.95 40.39 12.08
C ARG C 339 -21.39 40.18 12.59
N TRP C 340 -21.97 39.07 12.16
CA TRP C 340 -23.33 38.69 12.48
C TRP C 340 -23.33 37.21 12.85
N THR C 341 -24.27 36.80 13.70
CA THR C 341 -24.33 35.43 14.16
C THR C 341 -25.73 34.88 14.15
N ARG C 342 -25.85 33.56 13.98
CA ARG C 342 -27.15 32.88 14.13
C ARG C 342 -26.93 31.43 14.52
N THR C 343 -27.99 30.81 15.04
CA THR C 343 -27.92 29.45 15.58
C THR C 343 -29.01 28.63 14.89
N TRP C 344 -28.70 27.39 14.51
CA TRP C 344 -29.73 26.49 13.94
C TRP C 344 -30.68 26.03 15.04
N GLN C 345 -31.97 26.11 14.78
CA GLN C 345 -32.99 25.74 15.77
C GLN C 345 -33.74 24.52 15.27
N LYS C 346 -33.24 23.33 15.63
CA LYS C 346 -33.83 22.10 15.07
C LYS C 346 -35.32 22.03 15.35
N THR C 347 -35.71 22.31 16.59
CA THR C 347 -37.13 22.12 16.96
C THR C 347 -38.05 23.09 16.24
N LYS C 348 -37.55 24.26 15.85
CA LYS C 348 -38.37 25.20 15.08
C LYS C 348 -38.15 25.02 13.59
N ASN C 349 -37.23 24.12 13.23
CA ASN C 349 -36.81 23.89 11.85
C ASN C 349 -36.42 25.19 11.13
N SER C 350 -35.62 26.02 11.80
CA SER C 350 -35.23 27.30 11.23
C SER C 350 -33.91 27.82 11.84
N TRP C 351 -33.20 28.66 11.09
CA TRP C 351 -32.06 29.42 11.65
C TRP C 351 -32.65 30.55 12.47
N SER C 352 -32.06 30.86 13.62
CA SER C 352 -32.39 32.14 14.28
C SER C 352 -32.08 33.31 13.34
N SER C 353 -32.67 34.49 13.57
CA SER C 353 -32.33 35.65 12.75
C SER C 353 -30.88 36.04 13.04
N PHE C 354 -30.12 36.41 12.00
CA PHE C 354 -28.81 37.00 12.23
C PHE C 354 -28.94 38.20 13.15
N VAL C 355 -28.07 38.26 14.15
CA VAL C 355 -27.98 39.45 15.02
C VAL C 355 -26.55 39.98 14.94
N GLN C 356 -26.41 41.27 15.12
CA GLN C 356 -25.12 41.91 14.95
C GLN C 356 -24.24 41.65 16.17
N VAL C 357 -22.96 41.38 15.93
CA VAL C 357 -21.97 41.32 17.01
C VAL C 357 -21.59 42.75 17.40
N PHE C 358 -21.58 43.05 18.70
CA PHE C 358 -21.14 44.37 19.13
C PHE C 358 -19.65 44.36 19.40
N ASP C 359 -18.94 45.24 18.70
CA ASP C 359 -17.49 45.35 18.86
C ASP C 359 -17.08 46.81 18.67
N GLY C 360 -15.80 47.11 18.82
CA GLY C 360 -15.34 48.49 18.86
C GLY C 360 -15.60 49.21 17.53
N GLY C 361 -15.74 48.46 16.45
CA GLY C 361 -16.00 49.06 15.13
C GLY C 361 -17.51 49.16 14.88
N ASN C 362 -18.30 48.48 15.74
CA ASN C 362 -19.76 48.37 15.56
C ASN C 362 -20.43 48.41 16.93
N PRO C 363 -20.29 49.54 17.65
CA PRO C 363 -20.82 49.57 19.01
C PRO C 363 -22.35 49.60 19.05
N PRO C 364 -22.95 49.19 20.19
CA PRO C 364 -24.39 49.38 20.35
C PRO C 364 -24.71 50.87 20.35
N GLN C 365 -25.98 51.21 20.08
CA GLN C 365 -26.42 52.60 20.10
C GLN C 365 -27.34 52.75 21.32
N PRO C 366 -27.53 53.98 21.82
CA PRO C 366 -28.47 54.13 22.95
C PRO C 366 -29.83 53.47 22.69
N SER C 367 -30.31 53.54 21.45
CA SER C 367 -31.63 52.96 21.09
C SER C 367 -31.66 51.43 21.19
N ASP C 368 -30.52 50.78 21.01
CA ASP C 368 -30.44 49.32 21.12
C ASP C 368 -30.68 48.90 22.56
N ILE C 369 -30.22 49.71 23.50
CA ILE C 369 -30.15 49.22 24.89
C ILE C 369 -31.13 49.89 25.85
N GLY C 370 -31.86 50.91 25.37
CA GLY C 370 -32.79 51.64 26.22
C GLY C 370 -32.10 52.63 27.16
N ALA C 371 -31.06 53.29 26.65
CA ALA C 371 -30.30 54.28 27.41
C ALA C 371 -30.56 55.66 26.82
N LEU C 372 -30.55 56.68 27.67
CA LEU C 372 -30.66 58.06 27.21
C LEU C 372 -29.41 58.46 26.40
N PRO C 373 -29.60 59.14 25.23
CA PRO C 373 -28.44 59.73 24.54
C PRO C 373 -27.73 60.75 25.41
N SER C 374 -26.46 61.01 25.09
CA SER C 374 -25.64 61.88 25.93
C SER C 374 -25.93 63.37 25.75
N ASP C 375 -26.73 63.76 24.75
CA ASP C 375 -27.11 65.17 24.66
C ASP C 375 -28.33 65.36 23.76
N ASN C 376 -28.86 66.60 23.72
CA ASN C 376 -30.00 66.92 22.83
C ASN C 376 -31.16 65.97 23.01
N ALA C 377 -31.40 65.54 24.25
CA ALA C 377 -32.31 64.45 24.51
C ALA C 377 -33.64 64.88 25.09
N THR C 378 -34.65 64.04 24.85
CA THR C 378 -35.99 64.20 25.39
C THR C 378 -36.36 62.95 26.17
N MSE C 379 -37.05 63.14 27.29
CA MSE C 379 -37.61 62.01 28.04
C MSE C 379 -38.90 62.41 28.73
O MSE C 379 -39.21 63.60 28.84
CB MSE C 379 -36.59 61.47 29.06
CG MSE C 379 -36.32 62.42 30.22
SE MSE C 379 -34.59 62.02 31.09
CE MSE C 379 -34.87 60.16 31.51
N GLY C 380 -39.64 61.42 29.22
CA GLY C 380 -40.90 61.65 29.95
C GLY C 380 -40.67 62.17 31.36
N ASN C 381 -39.83 61.47 32.12
CA ASN C 381 -39.59 61.91 33.50
C ASN C 381 -38.22 61.50 34.04
N LEU C 382 -37.73 62.31 34.97
CA LEU C 382 -36.47 62.03 35.65
C LEU C 382 -36.60 62.37 37.12
N THR C 383 -35.95 61.56 37.96
CA THR C 383 -35.83 61.82 39.38
C THR C 383 -34.35 62.02 39.77
N ILE C 384 -34.07 63.13 40.45
CA ILE C 384 -32.72 63.47 40.88
C ILE C 384 -32.72 63.50 42.41
N ARG C 385 -31.86 62.65 43.02
CA ARG C 385 -31.86 62.48 44.46
C ARG C 385 -31.19 63.66 45.15
N ASP C 386 -30.06 64.13 44.62
CA ASP C 386 -29.18 65.05 45.33
C ASP C 386 -29.18 66.50 44.86
N PHE C 387 -28.79 66.76 43.61
CA PHE C 387 -28.87 68.10 43.07
C PHE C 387 -28.95 68.13 41.55
N LEU C 388 -29.57 69.18 41.03
CA LEU C 388 -29.52 69.50 39.62
C LEU C 388 -28.72 70.79 39.50
N ARG C 389 -27.69 70.79 38.67
CA ARG C 389 -26.92 71.99 38.49
C ARG C 389 -27.17 72.57 37.10
N ILE C 390 -27.57 73.83 37.06
CA ILE C 390 -27.73 74.54 35.77
C ILE C 390 -26.69 75.64 35.74
N GLY C 391 -25.76 75.57 34.81
CA GLY C 391 -24.64 76.50 34.81
C GLY C 391 -23.89 76.33 36.13
N ASN C 392 -23.75 77.41 36.90
CA ASN C 392 -23.06 77.34 38.19
C ASN C 392 -24.00 77.43 39.39
N VAL C 393 -25.28 77.12 39.17
CA VAL C 393 -26.28 77.12 40.23
C VAL C 393 -26.77 75.71 40.52
N ARG C 394 -26.62 75.28 41.77
CA ARG C 394 -27.22 74.03 42.23
C ARG C 394 -28.64 74.25 42.67
N ILE C 395 -29.55 73.44 42.16
CA ILE C 395 -30.93 73.42 42.59
C ILE C 395 -31.07 72.19 43.49
N VAL C 396 -31.32 72.44 44.78
CA VAL C 396 -31.39 71.37 45.75
C VAL C 396 -32.75 71.45 46.46
N PRO C 397 -33.15 70.38 47.17
CA PRO C 397 -34.45 70.43 47.85
C PRO C 397 -34.40 71.28 49.13
N ASP C 398 -35.44 72.09 49.33
CA ASP C 398 -35.61 72.87 50.57
C ASP C 398 -36.89 72.46 51.33
N PRO C 399 -36.74 71.62 52.36
CA PRO C 399 -37.87 71.16 53.21
C PRO C 399 -38.67 72.29 53.89
N VAL C 400 -37.95 73.30 54.39
CA VAL C 400 -38.53 74.41 55.16
C VAL C 400 -39.61 75.25 54.42
N ASN C 401 -39.52 75.34 53.09
CA ASN C 401 -40.54 76.06 52.31
C ASN C 401 -41.37 75.14 51.39
N LYS C 402 -41.04 73.84 51.42
CA LYS C 402 -41.63 72.82 50.55
C LYS C 402 -41.46 73.09 49.04
N THR C 403 -40.31 73.68 48.69
CA THR C 403 -39.87 73.86 47.30
C THR C 403 -38.36 73.57 47.18
N VAL C 404 -37.73 74.23 46.21
CA VAL C 404 -36.30 74.08 45.96
C VAL C 404 -35.56 75.35 46.34
N LYS C 405 -34.34 75.21 46.83
CA LYS C 405 -33.47 76.37 46.97
C LYS C 405 -32.34 76.37 45.92
N PHE C 406 -31.95 77.58 45.50
CA PHE C 406 -30.81 77.74 44.60
C PHE C 406 -29.54 78.04 45.38
N GLU C 407 -28.42 77.51 44.93
CA GLU C 407 -27.13 77.78 45.55
C GLU C 407 -26.09 78.05 44.48
N TRP C 408 -25.47 79.23 44.55
CA TRP C 408 -24.40 79.57 43.61
C TRP C 408 -23.13 78.80 43.92
N VAL C 409 -22.47 78.31 42.88
CA VAL C 409 -21.15 77.71 42.99
C VAL C 409 -20.30 78.16 41.81
C1 GOL D . 9.16 -48.36 -15.49
O1 GOL D . 8.91 -48.41 -16.88
C2 GOL D . 8.36 -49.49 -14.83
O2 GOL D . 7.02 -49.29 -15.17
C3 GOL D . 8.84 -50.85 -15.37
O3 GOL D . 10.11 -51.16 -14.83
C1 GOL E . -6.69 -10.22 10.98
O1 GOL E . -7.55 -9.85 12.04
C2 GOL E . -7.52 -10.95 9.94
O2 GOL E . -8.15 -12.02 10.59
C3 GOL E . -6.61 -11.48 8.84
O3 GOL E . -7.35 -12.39 8.04
C1 GOL F . 17.83 -35.63 -35.64
O1 GOL F . 17.06 -36.79 -35.34
C2 GOL F . 17.35 -34.50 -34.73
O2 GOL F . 17.93 -33.29 -35.16
C3 GOL F . 17.73 -34.74 -33.27
O3 GOL F . 19.14 -34.89 -33.15
C1 GOL G . -7.64 2.31 -14.38
O1 GOL G . -8.51 3.35 -14.76
C2 GOL G . -6.41 2.35 -15.27
O2 GOL G . -6.84 2.22 -16.61
C3 GOL G . -5.54 1.16 -14.90
O3 GOL G . -4.48 1.10 -15.84
C1 GOL H . 33.23 -39.39 -13.74
O1 GOL H . 33.30 -39.20 -15.15
C2 GOL H . 32.43 -38.24 -13.10
O2 GOL H . 32.49 -38.32 -11.69
C3 GOL H . 30.96 -38.36 -13.51
O3 GOL H . 30.45 -39.59 -13.05
C1 GOL I . -34.32 61.10 21.77
O1 GOL I . -35.03 62.26 22.13
C2 GOL I . -33.92 60.30 23.01
O2 GOL I . -33.91 61.05 24.22
C3 GOL I . -34.79 59.07 23.13
O3 GOL I . -34.33 58.26 24.21
C1 GOL J . 15.32 2.54 1.95
O1 GOL J . 15.85 1.36 2.52
C2 GOL J . 15.88 3.75 2.70
O2 GOL J . 17.27 3.78 2.53
C3 GOL J . 15.27 5.01 2.10
O3 GOL J . 15.97 6.15 2.55
#